data_3UPL
#
_entry.id   3UPL
#
_cell.length_a   49.365
_cell.length_b   63.380
_cell.length_c   79.123
_cell.angle_alpha   68.630
_cell.angle_beta   75.800
_cell.angle_gamma   72.700
#
_symmetry.space_group_name_H-M   'P 1'
#
loop_
_entity.id
_entity.type
_entity.pdbx_description
1 polymer Oxidoreductase
2 non-polymer 'MAGNESIUM ION'
3 non-polymer GLYCEROL
4 water water
#
_entity_poly.entity_id   1
_entity_poly.type   'polypeptide(L)'
_entity_poly.pdbx_seq_one_letter_code
;MTTNVALVGLARDLAARAETGKPIRIGLIGAGEMGTDIVTQVARMQGIEVGALSARRLPNTFKAIRTAYGDEENAREATT
ESAMTRAIEAGKIAVTDDNDLILSNPLIDVIIDATGIPEVGAETGIAAIRNGKHLVMMNVEADVTIGPYLKAQADKQGVI
YSLGAGDEPSSCMELIEFVSALGYEVVSAGKGKNNPLNFDATPDDYRQEADRRNMNVRLLVEFIDGSKTMVEMAAIANAT
GLVPDIAGMHGPRASIDQLSHTLIPQAEGGVLSKSGVVDYSIGKGVSPGVFVVAKMDHPRLNERLEDLKIGKGPYFTFHR
PYHLTSLEVPLTVARVVLHGKTDMVPLPKPVAEVCAVAKKDMQPGEHLDAIGQYCYRSWIMTVPEARAAKAIPCGLLQNG
TVIAPIKKGELITYANAAPQPGSRIAELRALQDAMLGQLEHHHHHH
;
_entity_poly.pdbx_strand_id   A,B
#
# COMPACT_ATOMS: atom_id res chain seq x y z
N THR A 2 -22.07 -0.78 5.24
CA THR A 2 -21.87 -0.09 3.94
C THR A 2 -20.74 -0.75 3.18
N THR A 3 -19.70 -1.24 3.89
CA THR A 3 -18.50 -1.63 3.13
C THR A 3 -18.61 -3.02 2.55
N ASN A 4 -19.54 -3.85 3.06
CA ASN A 4 -19.67 -5.27 2.68
C ASN A 4 -18.61 -6.18 3.28
N VAL A 5 -17.67 -5.63 4.08
CA VAL A 5 -16.58 -6.45 4.60
C VAL A 5 -16.43 -6.35 6.15
N ALA A 6 -15.87 -7.39 6.74
CA ALA A 6 -15.53 -7.36 8.17
C ALA A 6 -14.51 -6.29 8.42
N LEU A 7 -14.52 -5.75 9.63
CA LEU A 7 -13.58 -4.76 10.05
C LEU A 7 -12.19 -5.34 10.20
N VAL A 8 -11.22 -4.81 9.49
CA VAL A 8 -9.80 -5.22 9.64
C VAL A 8 -8.86 -4.02 9.71
N GLY A 9 -7.70 -4.21 10.31
CA GLY A 9 -6.66 -3.20 10.28
C GLY A 9 -7.11 -1.85 10.78
N LEU A 10 -6.75 -0.83 10.02
CA LEU A 10 -7.10 0.54 10.41
C LEU A 10 -8.60 0.79 10.50
N ALA A 11 -9.38 0.09 9.63
CA ALA A 11 -10.82 0.21 9.76
C ALA A 11 -11.34 -0.23 11.10
N ARG A 12 -10.82 -1.39 11.55
CA ARG A 12 -11.13 -1.93 12.87
C ARG A 12 -10.69 -0.97 13.98
N ASP A 13 -9.50 -0.37 13.79
CA ASP A 13 -8.99 0.58 14.78
C ASP A 13 -9.96 1.80 14.90
N LEU A 14 -10.44 2.31 13.77
CA LEU A 14 -11.38 3.42 13.79
C LEU A 14 -12.72 3.05 14.40
N ALA A 15 -13.23 1.86 14.14
CA ALA A 15 -14.47 1.42 14.78
C ALA A 15 -14.31 1.29 16.31
N ALA A 16 -13.16 0.77 16.77
CA ALA A 16 -12.93 0.67 18.21
C ALA A 16 -12.85 2.07 18.82
N ARG A 17 -12.25 2.99 18.10
CA ARG A 17 -12.21 4.40 18.58
C ARG A 17 -13.65 4.92 18.69
N ALA A 18 -14.51 4.68 17.69
CA ALA A 18 -15.90 5.12 17.77
C ALA A 18 -16.64 4.58 19.02
N GLU A 19 -16.40 3.31 19.33
CA GLU A 19 -16.99 2.65 20.49
C GLU A 19 -16.59 3.33 21.84
N THR A 20 -15.48 4.09 21.89
CA THR A 20 -15.12 4.80 23.14
C THR A 20 -16.07 5.95 23.40
N GLY A 21 -16.84 6.38 22.40
CA GLY A 21 -17.68 7.59 22.44
C GLY A 21 -16.96 8.90 22.30
N LYS A 22 -15.65 8.86 22.07
CA LYS A 22 -14.92 10.11 21.85
C LYS A 22 -14.15 9.96 20.53
N PRO A 23 -14.69 10.52 19.45
CA PRO A 23 -13.95 10.42 18.17
C PRO A 23 -12.69 11.27 18.16
N ILE A 24 -11.78 10.95 17.24
CA ILE A 24 -10.66 11.85 16.88
C ILE A 24 -11.31 13.08 16.33
N ARG A 25 -10.87 14.28 16.76
CA ARG A 25 -11.44 15.51 16.29
C ARG A 25 -10.46 16.37 15.54
N ILE A 26 -10.82 16.67 14.31
CA ILE A 26 -10.03 17.56 13.42
C ILE A 26 -10.49 19.00 13.53
N GLY A 27 -9.54 19.90 13.63
CA GLY A 27 -9.79 21.35 13.43
C GLY A 27 -9.37 21.66 12.04
N LEU A 28 -10.29 22.08 11.22
CA LEU A 28 -10.10 22.26 9.76
C LEU A 28 -10.13 23.75 9.44
N ILE A 29 -9.03 24.30 8.93
CA ILE A 29 -8.93 25.70 8.55
C ILE A 29 -8.99 25.78 7.05
N GLY A 30 -10.07 26.35 6.54
CA GLY A 30 -10.28 26.55 5.11
C GLY A 30 -11.44 25.68 4.64
N ALA A 31 -12.47 26.34 4.14
CA ALA A 31 -13.74 25.75 3.71
C ALA A 31 -13.94 25.69 2.20
N GLY A 32 -12.86 25.81 1.46
CA GLY A 32 -12.94 25.70 0.01
C GLY A 32 -13.01 24.28 -0.49
N GLU A 33 -12.41 24.00 -1.66
CA GLU A 33 -12.61 22.70 -2.26
C GLU A 33 -12.05 21.54 -1.48
N MET A 34 -10.80 21.67 -1.02
CA MET A 34 -10.13 20.60 -0.26
CA MET A 34 -10.16 20.57 -0.29
C MET A 34 -10.81 20.41 1.10
N GLY A 35 -11.13 21.53 1.73
CA GLY A 35 -11.77 21.40 3.03
C GLY A 35 -13.16 20.79 2.94
N THR A 36 -13.91 21.13 1.91
CA THR A 36 -15.20 20.51 1.66
C THR A 36 -15.06 19.02 1.39
N ASP A 37 -14.04 18.60 0.63
CA ASP A 37 -13.75 17.21 0.43
C ASP A 37 -13.52 16.46 1.74
N ILE A 38 -12.76 17.07 2.66
CA ILE A 38 -12.45 16.43 3.94
C ILE A 38 -13.72 16.30 4.78
N VAL A 39 -14.54 17.36 4.84
CA VAL A 39 -15.79 17.24 5.60
C VAL A 39 -16.63 16.06 5.05
N THR A 40 -16.73 16.02 3.72
CA THR A 40 -17.51 14.95 3.05
C THR A 40 -16.93 13.56 3.33
N GLN A 41 -15.63 13.44 3.23
CA GLN A 41 -15.00 12.10 3.46
C GLN A 41 -15.11 11.63 4.87
N VAL A 42 -14.89 12.52 5.84
CA VAL A 42 -14.98 12.14 7.25
C VAL A 42 -16.37 11.68 7.63
N ALA A 43 -17.38 12.21 6.95
CA ALA A 43 -18.75 11.86 7.24
C ALA A 43 -19.09 10.43 6.93
N ARG A 44 -18.28 9.75 6.11
CA ARG A 44 -18.55 8.33 5.93
C ARG A 44 -17.61 7.40 6.64
N MET A 45 -16.80 7.94 7.53
CA MET A 45 -15.84 7.16 8.31
C MET A 45 -16.29 7.02 9.75
N GLN A 46 -15.73 6.06 10.46
CA GLN A 46 -15.99 5.90 11.88
C GLN A 46 -14.86 6.44 12.69
N GLY A 47 -15.19 6.96 13.89
CA GLY A 47 -14.21 7.32 14.91
C GLY A 47 -13.45 8.59 14.69
N ILE A 48 -13.82 9.35 13.65
CA ILE A 48 -13.09 10.56 13.28
C ILE A 48 -14.13 11.57 12.84
N GLU A 49 -14.02 12.82 13.33
CA GLU A 49 -15.02 13.89 13.01
C GLU A 49 -14.30 15.17 12.77
N VAL A 50 -14.92 16.09 12.01
CA VAL A 50 -14.49 17.49 12.00
C VAL A 50 -15.16 18.18 13.20
N GLY A 51 -14.38 18.54 14.22
CA GLY A 51 -14.90 19.28 15.36
C GLY A 51 -15.29 20.73 15.03
N ALA A 52 -14.43 21.38 14.25
CA ALA A 52 -14.60 22.79 13.93
C ALA A 52 -14.05 23.11 12.57
N LEU A 53 -14.66 24.07 11.91
CA LEU A 53 -14.30 24.52 10.56
C LEU A 53 -14.27 26.02 10.53
N SER A 54 -13.18 26.59 10.01
CA SER A 54 -13.07 28.03 9.81
C SER A 54 -12.86 28.42 8.36
N ALA A 55 -13.28 29.65 8.08
CA ALA A 55 -13.09 30.28 6.77
C ALA A 55 -12.85 31.76 7.01
N ARG A 56 -12.23 32.45 6.06
CA ARG A 56 -12.11 33.91 6.15
C ARG A 56 -13.46 34.62 6.17
N ARG A 57 -14.38 34.10 5.34
CA ARG A 57 -15.73 34.60 5.25
C ARG A 57 -16.64 33.48 5.78
N LEU A 58 -17.32 33.76 6.86
CA LEU A 58 -18.15 32.79 7.61
C LEU A 58 -19.16 32.03 6.73
N PRO A 59 -19.82 32.69 5.77
CA PRO A 59 -20.76 31.94 4.95
C PRO A 59 -20.17 30.74 4.21
N ASN A 60 -18.87 30.72 3.92
CA ASN A 60 -18.29 29.58 3.24
C ASN A 60 -18.23 28.33 4.12
N THR A 61 -18.20 28.50 5.44
CA THR A 61 -18.28 27.32 6.34
C THR A 61 -19.62 26.61 6.18
N PHE A 62 -20.71 27.37 6.19
CA PHE A 62 -22.06 26.81 5.98
C PHE A 62 -22.17 26.16 4.62
N LYS A 63 -21.56 26.75 3.62
CA LYS A 63 -21.61 26.24 2.25
C LYS A 63 -20.89 24.88 2.18
N ALA A 64 -19.73 24.73 2.80
CA ALA A 64 -19.04 23.49 2.81
C ALA A 64 -19.86 22.37 3.44
N ILE A 65 -20.48 22.67 4.56
CA ILE A 65 -21.26 21.71 5.31
C ILE A 65 -22.51 21.33 4.52
N ARG A 66 -23.14 22.29 3.88
CA ARG A 66 -24.29 22.00 3.05
C ARG A 66 -23.89 21.13 1.84
N THR A 67 -22.72 21.38 1.24
CA THR A 67 -22.30 20.54 0.12
C THR A 67 -22.04 19.11 0.60
N ALA A 68 -21.44 18.97 1.77
CA ALA A 68 -21.17 17.62 2.37
C ALA A 68 -22.45 16.84 2.74
N TYR A 69 -23.40 17.50 3.36
CA TYR A 69 -24.55 16.83 3.99
C TYR A 69 -25.86 17.02 3.31
N GLY A 70 -25.97 18.05 2.46
CA GLY A 70 -27.25 18.38 1.85
C GLY A 70 -28.00 19.55 2.45
N ASP A 71 -27.63 19.89 3.66
CA ASP A 71 -28.23 21.01 4.41
C ASP A 71 -27.19 21.50 5.45
N GLU A 72 -27.51 22.58 6.14
CA GLU A 72 -26.61 23.28 7.03
C GLU A 72 -26.90 22.91 8.47
N GLU A 73 -27.77 21.94 8.70
CA GLU A 73 -28.15 21.53 10.05
C GLU A 73 -26.98 21.33 11.00
N ASN A 74 -25.94 20.64 10.56
CA ASN A 74 -24.84 20.27 11.44
C ASN A 74 -23.93 21.41 11.85
N ALA A 75 -24.07 22.57 11.22
CA ALA A 75 -23.23 23.71 11.53
C ALA A 75 -23.79 24.49 12.70
N ARG A 76 -22.90 24.96 13.59
CA ARG A 76 -23.31 25.87 14.63
C ARG A 76 -22.25 26.94 14.79
N GLU A 77 -22.60 28.20 14.64
CA GLU A 77 -21.61 29.28 14.82
C GLU A 77 -21.16 29.36 16.27
N ALA A 78 -19.86 29.52 16.48
CA ALA A 78 -19.34 29.74 17.83
C ALA A 78 -18.34 30.92 17.82
N THR A 79 -18.47 31.83 18.80
CA THR A 79 -17.61 33.02 18.89
C THR A 79 -16.73 33.04 20.13
N THR A 80 -16.86 32.03 20.99
CA THR A 80 -16.04 31.89 22.19
C THR A 80 -15.68 30.43 22.34
N GLU A 81 -14.69 30.16 23.20
CA GLU A 81 -14.30 28.79 23.44
C GLU A 81 -15.45 27.99 24.08
N SER A 82 -16.14 28.60 25.04
N SER A 82 -16.12 28.62 25.04
CA SER A 82 -17.25 27.88 25.67
CA SER A 82 -17.26 28.00 25.67
C SER A 82 -18.35 27.53 24.68
C SER A 82 -18.27 27.52 24.64
N ALA A 83 -18.65 28.42 23.74
CA ALA A 83 -19.63 28.12 22.68
C ALA A 83 -19.14 27.02 21.75
N MET A 84 -17.85 27.07 21.40
CA MET A 84 -17.27 26.06 20.51
C MET A 84 -17.26 24.68 21.13
N THR A 85 -16.81 24.57 22.38
CA THR A 85 -16.78 23.30 23.06
C THR A 85 -18.22 22.78 23.25
N ARG A 86 -19.15 23.64 23.63
CA ARG A 86 -20.60 23.26 23.76
C ARG A 86 -21.16 22.73 22.40
N ALA A 87 -20.81 23.39 21.30
CA ALA A 87 -21.25 22.95 19.96
C ALA A 87 -20.69 21.56 19.65
N ILE A 88 -19.39 21.35 19.84
CA ILE A 88 -18.75 20.04 19.59
C ILE A 88 -19.40 18.96 20.48
N GLU A 89 -19.61 19.29 21.74
CA GLU A 89 -20.16 18.30 22.65
C GLU A 89 -21.61 17.99 22.28
N ALA A 90 -22.29 18.93 21.62
CA ALA A 90 -23.64 18.72 21.11
C ALA A 90 -23.74 17.97 19.80
N GLY A 91 -22.62 17.57 19.21
CA GLY A 91 -22.58 16.84 17.98
C GLY A 91 -22.63 17.72 16.72
N LYS A 92 -22.30 19.00 16.89
CA LYS A 92 -22.29 19.94 15.76
C LYS A 92 -20.85 20.13 15.32
N ILE A 93 -20.69 20.66 14.09
CA ILE A 93 -19.45 21.18 13.60
C ILE A 93 -19.46 22.67 13.96
N ALA A 94 -18.59 23.05 14.88
CA ALA A 94 -18.50 24.47 15.23
C ALA A 94 -17.89 25.24 14.09
N VAL A 95 -18.53 26.35 13.71
CA VAL A 95 -18.03 27.18 12.62
C VAL A 95 -17.69 28.60 13.10
N THR A 96 -16.64 29.11 12.46
CA THR A 96 -16.05 30.41 12.84
C THR A 96 -15.29 31.00 11.69
N ASP A 97 -15.06 32.31 11.80
CA ASP A 97 -14.09 33.02 10.97
C ASP A 97 -12.82 33.39 11.73
N ASP A 98 -12.65 32.80 12.90
CA ASP A 98 -11.48 33.08 13.76
C ASP A 98 -10.68 31.80 13.96
N ASN A 99 -9.57 31.68 13.23
CA ASN A 99 -8.76 30.45 13.33
C ASN A 99 -8.28 30.17 14.74
N ASP A 100 -8.02 31.23 15.54
CA ASP A 100 -7.47 31.00 16.85
C ASP A 100 -8.41 30.22 17.72
N LEU A 101 -9.71 30.34 17.52
CA LEU A 101 -10.66 29.54 18.32
C LEU A 101 -10.46 28.04 18.10
N ILE A 102 -10.12 27.68 16.86
CA ILE A 102 -9.88 26.28 16.52
C ILE A 102 -8.54 25.82 17.04
N LEU A 103 -7.55 26.66 16.78
CA LEU A 103 -6.13 26.37 17.13
C LEU A 103 -5.96 26.14 18.64
N SER A 104 -6.77 26.80 19.45
CA SER A 104 -6.66 26.72 20.92
C SER A 104 -7.79 25.95 21.62
N ASN A 105 -8.69 25.33 20.86
CA ASN A 105 -9.78 24.63 21.53
C ASN A 105 -9.29 23.31 22.11
N PRO A 106 -9.64 23.02 23.37
CA PRO A 106 -9.09 21.83 24.01
C PRO A 106 -9.58 20.49 23.47
N LEU A 107 -10.71 20.47 22.75
CA LEU A 107 -11.24 19.24 22.20
C LEU A 107 -10.64 18.87 20.85
N ILE A 108 -9.83 19.74 20.26
CA ILE A 108 -9.32 19.48 18.92
C ILE A 108 -8.00 18.72 19.03
N ASP A 109 -7.88 17.57 18.33
CA ASP A 109 -6.71 16.74 18.39
C ASP A 109 -5.64 17.12 17.35
N VAL A 110 -6.08 17.47 16.16
CA VAL A 110 -5.19 17.63 14.98
CA VAL A 110 -5.20 17.63 15.01
C VAL A 110 -5.71 18.81 14.14
N ILE A 111 -4.79 19.65 13.67
CA ILE A 111 -5.06 20.75 12.77
C ILE A 111 -4.69 20.41 11.34
N ILE A 112 -5.56 20.76 10.42
CA ILE A 112 -5.30 20.70 8.95
C ILE A 112 -5.66 22.05 8.36
N ASP A 113 -4.74 22.71 7.61
CA ASP A 113 -4.99 23.92 6.86
C ASP A 113 -5.23 23.51 5.40
N ALA A 114 -6.46 23.72 4.96
CA ALA A 114 -6.85 23.40 3.63
C ALA A 114 -7.04 24.63 2.76
N THR A 115 -6.53 25.81 3.13
CA THR A 115 -6.71 27.05 2.38
C THR A 115 -5.95 27.11 1.04
N GLY A 116 -4.91 26.31 0.90
CA GLY A 116 -4.06 26.33 -0.28
C GLY A 116 -3.11 27.51 -0.32
N ILE A 117 -3.00 28.26 0.75
CA ILE A 117 -2.19 29.50 0.81
C ILE A 117 -0.92 29.18 1.64
N PRO A 118 0.26 29.12 1.03
CA PRO A 118 1.47 28.72 1.80
C PRO A 118 1.70 29.56 3.03
N GLU A 119 1.49 30.86 2.94
CA GLU A 119 1.71 31.78 4.12
C GLU A 119 0.81 31.38 5.27
N VAL A 120 -0.46 31.11 4.98
CA VAL A 120 -1.43 30.68 5.99
C VAL A 120 -1.05 29.32 6.54
N GLY A 121 -0.60 28.38 5.73
CA GLY A 121 -0.11 27.11 6.18
C GLY A 121 1.05 27.21 7.13
N ALA A 122 1.94 28.19 6.90
CA ALA A 122 3.07 28.48 7.77
C ALA A 122 2.54 29.04 9.11
N GLU A 123 1.75 30.08 9.05
CA GLU A 123 1.18 30.74 10.25
C GLU A 123 0.36 29.76 11.10
N THR A 124 -0.56 29.01 10.49
CA THR A 124 -1.41 28.13 11.26
C THR A 124 -0.62 26.94 11.72
N GLY A 125 0.39 26.51 10.97
CA GLY A 125 1.17 25.35 11.37
C GLY A 125 1.97 25.62 12.62
N ILE A 126 2.70 26.73 12.68
CA ILE A 126 3.43 27.02 13.91
C ILE A 126 2.45 27.26 15.07
N ALA A 127 1.31 27.89 14.82
CA ALA A 127 0.31 28.08 15.87
C ALA A 127 -0.21 26.73 16.38
N ALA A 128 -0.48 25.78 15.49
CA ALA A 128 -1.06 24.47 15.89
C ALA A 128 -0.03 23.80 16.89
N ILE A 129 1.23 23.80 16.50
CA ILE A 129 2.31 23.21 17.31
C ILE A 129 2.45 23.92 18.64
N ARG A 130 2.42 25.23 18.62
CA ARG A 130 2.50 26.08 19.82
CA ARG A 130 2.57 25.97 19.86
C ARG A 130 1.39 25.71 20.80
N ASN A 131 0.26 25.33 20.27
CA ASN A 131 -0.93 25.00 21.04
C ASN A 131 -0.98 23.51 21.43
N GLY A 132 0.10 22.78 21.14
CA GLY A 132 0.19 21.36 21.50
C GLY A 132 -0.70 20.43 20.72
N LYS A 133 -1.01 20.77 19.47
CA LYS A 133 -1.82 19.94 18.58
C LYS A 133 -0.93 19.33 17.51
N HIS A 134 -1.29 18.11 17.12
CA HIS A 134 -0.67 17.52 15.95
C HIS A 134 -0.98 18.38 14.74
N LEU A 135 -0.14 18.28 13.73
CA LEU A 135 -0.26 19.08 12.47
C LEU A 135 -0.12 18.20 11.24
N VAL A 136 -1.16 18.15 10.43
CA VAL A 136 -1.12 17.51 9.18
C VAL A 136 -1.11 18.59 8.13
N MET A 137 -0.08 18.61 7.32
CA MET A 137 0.17 19.59 6.29
C MET A 137 -0.22 19.10 4.94
N MET A 138 -1.16 19.80 4.30
CA MET A 138 -1.45 19.54 2.89
CA MET A 138 -1.47 19.56 2.88
C MET A 138 -0.69 20.49 1.96
N ASN A 139 -0.23 21.66 2.45
CA ASN A 139 0.40 22.61 1.60
C ASN A 139 1.88 22.20 1.35
N VAL A 140 2.09 21.56 0.21
CA VAL A 140 3.44 21.07 -0.09
C VAL A 140 4.39 22.22 -0.38
N GLU A 141 3.90 23.33 -0.95
CA GLU A 141 4.73 24.49 -1.22
C GLU A 141 5.30 25.02 0.08
N ALA A 142 4.49 25.07 1.14
CA ALA A 142 4.99 25.43 2.48
C ALA A 142 5.93 24.39 3.05
N ASP A 143 5.58 23.12 2.95
CA ASP A 143 6.41 22.02 3.50
C ASP A 143 7.84 22.06 2.93
N VAL A 144 8.01 22.27 1.61
CA VAL A 144 9.37 22.24 1.02
C VAL A 144 10.13 23.51 1.33
N THR A 145 9.46 24.51 1.89
CA THR A 145 10.11 25.76 2.31
C THR A 145 10.55 25.73 3.75
N ILE A 146 9.65 25.36 4.64
CA ILE A 146 9.84 25.44 6.10
C ILE A 146 9.48 24.17 6.81
N GLY A 147 9.26 23.04 6.13
CA GLY A 147 8.98 21.74 6.76
C GLY A 147 9.95 21.33 7.84
N PRO A 148 11.26 21.39 7.59
CA PRO A 148 12.23 20.99 8.61
C PRO A 148 12.03 21.75 9.88
N TYR A 149 11.84 23.06 9.80
CA TYR A 149 11.61 23.88 11.00
C TYR A 149 10.33 23.44 11.73
N LEU A 150 9.23 23.26 11.03
CA LEU A 150 7.98 22.79 11.64
C LEU A 150 8.18 21.46 12.31
N LYS A 151 8.88 20.54 11.68
CA LYS A 151 9.10 19.22 12.26
C LYS A 151 9.92 19.36 13.55
N ALA A 152 10.98 20.17 13.54
CA ALA A 152 11.78 20.36 14.73
C ALA A 152 10.91 20.95 15.86
N GLN A 153 10.05 21.92 15.57
CA GLN A 153 9.22 22.50 16.62
C GLN A 153 8.17 21.51 17.12
N ALA A 154 7.63 20.67 16.27
CA ALA A 154 6.69 19.61 16.67
C ALA A 154 7.39 18.67 17.65
N ASP A 155 8.62 18.31 17.34
CA ASP A 155 9.41 17.44 18.24
C ASP A 155 9.56 18.10 19.61
N LYS A 156 9.84 19.40 19.67
CA LYS A 156 10.02 20.09 20.96
C LYS A 156 8.73 20.06 21.81
N GLN A 157 7.57 20.12 21.16
CA GLN A 157 6.30 20.17 21.83
C GLN A 157 5.78 18.80 22.11
N GLY A 158 6.36 17.77 21.56
CA GLY A 158 5.88 16.41 21.74
C GLY A 158 4.68 16.08 20.92
N VAL A 159 4.54 16.72 19.75
CA VAL A 159 3.43 16.43 18.86
C VAL A 159 3.99 15.92 17.50
N ILE A 160 3.12 15.40 16.64
CA ILE A 160 3.46 14.81 15.35
CA ILE A 160 3.48 14.82 15.37
C ILE A 160 3.15 15.77 14.21
N TYR A 161 4.12 15.90 13.31
CA TYR A 161 4.01 16.60 12.02
C TYR A 161 4.02 15.59 10.92
N SER A 162 3.13 15.70 9.96
CA SER A 162 3.10 14.83 8.78
C SER A 162 2.54 15.56 7.58
N LEU A 163 3.03 15.26 6.37
CA LEU A 163 2.33 15.59 5.15
C LEU A 163 1.05 14.69 5.11
N GLY A 164 -0.03 15.20 4.57
CA GLY A 164 -1.18 14.35 4.39
C GLY A 164 -1.00 13.31 3.28
N ALA A 165 -1.53 12.13 3.50
CA ALA A 165 -1.64 11.08 2.48
C ALA A 165 -2.51 11.54 1.32
N GLY A 166 -2.31 10.91 0.17
CA GLY A 166 -3.15 11.07 -0.99
C GLY A 166 -2.60 12.02 -2.06
N ASP A 167 -1.49 12.73 -1.77
CA ASP A 167 -0.83 13.55 -2.79
C ASP A 167 0.37 12.79 -3.30
N GLU A 168 0.81 13.08 -4.50
CA GLU A 168 1.93 12.31 -5.06
C GLU A 168 3.09 12.12 -4.13
N PRO A 169 3.57 13.13 -3.42
CA PRO A 169 4.74 12.88 -2.54
C PRO A 169 4.48 11.83 -1.49
N SER A 170 3.38 11.91 -0.72
CA SER A 170 3.14 10.97 0.34
C SER A 170 2.74 9.61 -0.18
N SER A 171 2.01 9.56 -1.33
CA SER A 171 1.74 8.28 -1.96
C SER A 171 3.01 7.55 -2.37
N CYS A 172 3.94 8.30 -2.96
CA CYS A 172 5.23 7.71 -3.36
C CYS A 172 5.97 7.16 -2.15
N MET A 173 5.89 7.85 -1.01
CA MET A 173 6.59 7.33 0.17
C MET A 173 6.13 5.96 0.59
N GLU A 174 4.87 5.61 0.34
CA GLU A 174 4.38 4.26 0.57
CA GLU A 174 4.39 4.27 0.62
C GLU A 174 5.20 3.23 -0.19
N LEU A 175 5.46 3.52 -1.46
CA LEU A 175 6.26 2.61 -2.29
C LEU A 175 7.70 2.57 -1.85
N ILE A 176 8.26 3.75 -1.54
CA ILE A 176 9.66 3.86 -1.10
C ILE A 176 9.87 3.03 0.20
N GLU A 177 8.94 3.13 1.12
CA GLU A 177 8.98 2.33 2.37
CA GLU A 177 9.00 2.33 2.35
C GLU A 177 9.04 0.82 2.07
N PHE A 178 8.17 0.38 1.16
CA PHE A 178 8.09 -1.04 0.79
C PHE A 178 9.39 -1.55 0.18
N VAL A 179 9.86 -0.84 -0.87
CA VAL A 179 11.05 -1.27 -1.57
C VAL A 179 12.27 -1.27 -0.64
N SER A 180 12.36 -0.22 0.18
CA SER A 180 13.53 -0.12 1.00
C SER A 180 13.51 -1.02 2.23
N ALA A 181 12.30 -1.36 2.78
CA ALA A 181 12.20 -2.33 3.82
C ALA A 181 12.69 -3.73 3.34
N LEU A 182 12.41 -4.00 2.05
CA LEU A 182 12.85 -5.25 1.44
C LEU A 182 14.36 -5.22 1.04
N GLY A 183 15.03 -4.09 1.29
CA GLY A 183 16.48 -3.97 1.05
C GLY A 183 16.88 -3.74 -0.39
N TYR A 184 15.94 -3.29 -1.18
CA TYR A 184 16.21 -3.04 -2.61
C TYR A 184 16.68 -1.61 -2.83
N GLU A 185 17.50 -1.45 -3.90
CA GLU A 185 18.00 -0.16 -4.36
C GLU A 185 16.87 0.62 -5.05
N VAL A 186 16.60 1.81 -4.53
CA VAL A 186 15.65 2.76 -5.15
C VAL A 186 16.44 3.58 -6.17
N VAL A 187 16.19 3.31 -7.45
CA VAL A 187 16.92 3.91 -8.57
C VAL A 187 16.36 5.28 -8.93
N SER A 188 15.06 5.34 -9.09
CA SER A 188 14.31 6.55 -9.35
C SER A 188 12.91 6.44 -8.74
N ALA A 189 12.31 7.58 -8.46
CA ALA A 189 10.96 7.67 -7.95
C ALA A 189 10.30 8.95 -8.44
N GLY A 190 8.96 8.94 -8.60
CA GLY A 190 8.27 10.12 -8.99
C GLY A 190 6.89 9.91 -9.55
N LYS A 191 6.50 10.76 -10.49
CA LYS A 191 5.16 10.85 -11.02
C LYS A 191 5.21 10.98 -12.54
N GLY A 192 4.06 11.03 -13.16
CA GLY A 192 3.96 11.18 -14.63
C GLY A 192 3.05 12.31 -14.98
N LYS A 193 3.16 12.74 -16.23
CA LYS A 193 2.22 13.69 -16.83
CA LYS A 193 2.19 13.65 -16.83
C LYS A 193 1.85 13.15 -18.20
N ASN A 194 0.56 13.19 -18.54
CA ASN A 194 0.16 12.68 -19.84
C ASN A 194 0.79 13.41 -21.03
N ASN A 195 0.85 14.74 -20.98
CA ASN A 195 1.30 15.51 -22.14
C ASN A 195 2.50 16.37 -21.78
N PRO A 196 3.29 16.83 -22.77
CA PRO A 196 4.43 17.70 -22.49
C PRO A 196 4.08 18.93 -21.65
N LEU A 197 4.99 19.33 -20.80
CA LEU A 197 4.80 20.57 -20.09
C LEU A 197 4.83 21.71 -21.11
N ASN A 198 4.18 22.84 -20.74
CA ASN A 198 4.28 24.09 -21.48
C ASN A 198 4.74 25.17 -20.46
N PHE A 199 6.02 25.47 -20.54
CA PHE A 199 6.65 26.42 -19.57
C PHE A 199 6.17 27.84 -19.76
N ASP A 200 5.55 28.14 -20.91
CA ASP A 200 5.06 29.48 -21.22
C ASP A 200 3.59 29.69 -20.89
N ALA A 201 2.90 28.69 -20.33
CA ALA A 201 1.48 28.81 -20.01
C ALA A 201 1.20 29.91 -19.06
N THR A 202 0.09 30.63 -19.25
CA THR A 202 -0.34 31.67 -18.34
C THR A 202 -1.86 31.53 -18.11
N PRO A 203 -2.43 32.35 -17.22
CA PRO A 203 -3.90 32.32 -17.03
C PRO A 203 -4.68 32.62 -18.29
N ASP A 204 -4.11 33.36 -19.24
CA ASP A 204 -4.85 33.65 -20.46
C ASP A 204 -5.18 32.37 -21.20
N ASP A 205 -4.30 31.38 -21.12
CA ASP A 205 -4.45 30.12 -21.89
C ASP A 205 -5.50 29.20 -21.24
N TYR A 206 -5.78 29.44 -19.97
CA TYR A 206 -6.63 28.50 -19.19
C TYR A 206 -7.88 29.13 -18.54
N ARG A 207 -8.06 30.46 -18.66
CA ARG A 207 -9.16 31.12 -17.94
C ARG A 207 -10.52 30.59 -18.42
N GLN A 208 -10.65 30.27 -19.68
CA GLN A 208 -11.91 29.74 -20.21
C GLN A 208 -12.24 28.37 -19.59
N GLU A 209 -11.26 27.46 -19.56
CA GLU A 209 -11.50 26.15 -18.96
C GLU A 209 -11.75 26.33 -17.44
N ALA A 210 -11.00 27.24 -16.78
CA ALA A 210 -11.19 27.43 -15.32
C ALA A 210 -12.64 27.91 -15.05
N ASP A 211 -13.15 28.82 -15.87
CA ASP A 211 -14.54 29.34 -15.71
CA ASP A 211 -14.51 29.36 -15.74
C ASP A 211 -15.50 28.18 -15.91
N ARG A 212 -15.32 27.44 -16.99
CA ARG A 212 -16.18 26.33 -17.30
C ARG A 212 -16.27 25.31 -16.17
N ARG A 213 -15.12 25.01 -15.56
CA ARG A 213 -15.00 23.99 -14.52
C ARG A 213 -15.18 24.51 -13.09
N ASN A 214 -15.48 25.80 -12.97
CA ASN A 214 -15.63 26.50 -11.70
CA ASN A 214 -15.67 26.45 -11.68
C ASN A 214 -14.45 26.23 -10.79
N MET A 215 -13.27 26.48 -11.32
CA MET A 215 -12.07 26.20 -10.58
C MET A 215 -11.05 27.28 -10.68
N ASN A 216 -10.09 27.28 -9.76
CA ASN A 216 -9.03 28.30 -9.76
C ASN A 216 -8.04 28.10 -10.92
N VAL A 217 -7.93 29.08 -11.78
CA VAL A 217 -7.10 29.01 -12.96
C VAL A 217 -5.62 28.74 -12.57
N ARG A 218 -5.21 29.16 -11.39
CA ARG A 218 -3.80 28.96 -11.00
C ARG A 218 -3.48 27.49 -10.90
N LEU A 219 -4.44 26.64 -10.50
CA LEU A 219 -4.28 25.19 -10.39
C LEU A 219 -3.95 24.58 -11.75
N LEU A 220 -4.56 25.14 -12.77
CA LEU A 220 -4.31 24.66 -14.14
C LEU A 220 -2.93 25.11 -14.63
N VAL A 221 -2.60 26.37 -14.41
CA VAL A 221 -1.33 26.86 -14.90
C VAL A 221 -0.14 26.20 -14.23
N GLU A 222 -0.20 26.01 -12.91
CA GLU A 222 0.90 25.37 -12.21
C GLU A 222 1.07 23.89 -12.55
N PHE A 223 0.10 23.14 -12.88
CA PHE A 223 0.06 21.84 -13.54
C PHE A 223 0.79 21.95 -14.90
N ILE A 224 0.44 22.69 -15.79
CA ILE A 224 0.94 22.73 -17.17
C ILE A 224 2.37 23.21 -17.23
N ASP A 225 2.68 24.23 -16.42
CA ASP A 225 4.05 24.83 -16.47
C ASP A 225 5.10 24.10 -15.65
N GLY A 226 4.72 23.01 -15.03
CA GLY A 226 5.62 22.14 -14.33
C GLY A 226 5.83 22.45 -12.84
N SER A 227 5.36 23.59 -12.43
CA SER A 227 5.59 24.07 -11.06
C SER A 227 5.19 23.08 -9.99
N LYS A 228 4.01 22.51 -10.09
CA LYS A 228 3.57 21.54 -9.10
C LYS A 228 4.45 20.29 -9.09
N THR A 229 4.86 19.84 -10.27
CA THR A 229 5.71 18.66 -10.39
C THR A 229 7.04 18.95 -9.68
N MET A 230 7.61 20.16 -9.89
CA MET A 230 8.91 20.48 -9.24
C MET A 230 8.74 20.40 -7.72
N VAL A 231 7.65 20.96 -7.19
CA VAL A 231 7.42 20.98 -5.76
C VAL A 231 7.24 19.55 -5.19
N GLU A 232 6.42 18.77 -5.83
CA GLU A 232 6.14 17.41 -5.36
C GLU A 232 7.38 16.55 -5.38
N MET A 233 8.22 16.67 -6.41
CA MET A 233 9.46 15.88 -6.48
C MET A 233 10.43 16.38 -5.41
N ALA A 234 10.48 17.68 -5.12
CA ALA A 234 11.31 18.17 -4.06
C ALA A 234 10.91 17.63 -2.71
N ALA A 235 9.63 17.48 -2.48
CA ALA A 235 9.16 16.95 -1.21
C ALA A 235 9.64 15.48 -1.10
N ILE A 236 9.53 14.68 -2.14
CA ILE A 236 10.07 13.31 -2.10
C ILE A 236 11.56 13.30 -1.82
N ALA A 237 12.29 14.15 -2.55
CA ALA A 237 13.74 14.28 -2.34
C ALA A 237 14.06 14.58 -0.89
N ASN A 238 13.37 15.58 -0.36
CA ASN A 238 13.69 16.08 0.96
C ASN A 238 13.26 15.16 2.11
N ALA A 239 12.51 14.10 1.78
CA ALA A 239 12.13 13.07 2.76
C ALA A 239 12.96 11.80 2.63
N THR A 240 13.80 11.72 1.61
CA THR A 240 14.50 10.50 1.29
C THR A 240 15.99 10.61 1.08
N GLY A 241 16.48 11.72 0.53
CA GLY A 241 17.85 11.87 0.10
C GLY A 241 18.06 11.56 -1.38
N LEU A 242 17.00 11.15 -2.08
CA LEU A 242 17.04 11.13 -3.55
C LEU A 242 17.20 12.56 -4.03
N VAL A 243 17.86 12.75 -5.18
CA VAL A 243 18.15 14.09 -5.74
C VAL A 243 17.71 14.22 -7.18
N PRO A 244 17.36 15.42 -7.62
CA PRO A 244 17.21 15.61 -9.06
C PRO A 244 18.56 15.39 -9.68
N ASP A 245 18.61 14.64 -10.78
CA ASP A 245 19.90 14.34 -11.47
C ASP A 245 20.51 15.55 -12.18
N ILE A 246 19.63 16.46 -12.63
CA ILE A 246 19.91 17.71 -13.25
C ILE A 246 18.88 18.73 -12.79
N ALA A 247 19.25 20.01 -12.78
CA ALA A 247 18.29 21.05 -12.44
C ALA A 247 17.06 20.91 -13.34
N GLY A 248 15.89 20.90 -12.75
CA GLY A 248 14.63 20.75 -13.47
C GLY A 248 14.23 19.32 -13.79
N MET A 249 15.12 18.38 -13.53
CA MET A 249 14.91 16.93 -13.81
C MET A 249 14.94 16.65 -15.32
N HIS A 250 15.09 15.38 -15.67
CA HIS A 250 15.10 15.06 -17.12
C HIS A 250 13.72 15.16 -17.78
N GLY A 251 12.72 14.60 -17.13
CA GLY A 251 11.37 14.52 -17.69
C GLY A 251 11.30 13.93 -19.06
N PRO A 252 11.87 12.71 -19.25
CA PRO A 252 11.85 12.08 -20.57
C PRO A 252 10.43 11.58 -20.94
N ARG A 253 10.20 11.41 -22.25
CA ARG A 253 9.05 10.65 -22.72
C ARG A 253 9.23 9.17 -22.34
N ALA A 254 8.26 8.67 -21.60
CA ALA A 254 8.21 7.25 -21.22
C ALA A 254 6.80 6.92 -20.78
N SER A 255 6.24 5.83 -21.31
CA SER A 255 5.05 5.22 -20.76
C SER A 255 5.37 4.45 -19.51
N ILE A 256 4.32 4.01 -18.82
CA ILE A 256 4.50 3.16 -17.63
C ILE A 256 5.40 1.95 -17.90
N ASP A 257 5.31 1.37 -19.08
CA ASP A 257 6.09 0.18 -19.40
C ASP A 257 7.55 0.44 -19.82
N GLN A 258 7.90 1.73 -19.96
CA GLN A 258 9.22 2.15 -20.38
C GLN A 258 10.04 2.73 -19.25
N LEU A 259 9.44 2.99 -18.07
CA LEU A 259 10.20 3.64 -16.99
C LEU A 259 11.49 2.87 -16.62
N SER A 260 11.35 1.54 -16.55
CA SER A 260 12.45 0.69 -16.10
CA SER A 260 12.45 0.69 -16.11
C SER A 260 13.58 0.56 -17.12
N HIS A 261 13.42 1.08 -18.32
CA HIS A 261 14.56 1.24 -19.23
C HIS A 261 14.98 2.66 -19.53
N THR A 262 14.35 3.63 -18.87
CA THR A 262 14.55 5.05 -19.15
C THR A 262 15.08 5.79 -17.93
N LEU A 263 14.39 5.69 -16.82
CA LEU A 263 14.80 6.35 -15.59
C LEU A 263 15.68 5.42 -14.75
N ILE A 264 16.81 5.10 -15.38
CA ILE A 264 17.85 4.23 -14.89
C ILE A 264 19.17 4.84 -15.42
N PRO A 265 20.33 4.34 -14.95
CA PRO A 265 21.58 4.94 -15.39
C PRO A 265 21.83 4.81 -16.91
N GLN A 266 22.50 5.80 -17.48
CA GLN A 266 22.97 5.82 -18.89
C GLN A 266 23.79 4.59 -19.24
N ALA A 267 24.58 4.10 -18.30
CA ALA A 267 25.42 2.95 -18.56
C ALA A 267 24.57 1.72 -18.94
N GLU A 268 23.34 1.69 -18.43
CA GLU A 268 22.39 0.60 -18.67
C GLU A 268 21.31 0.98 -19.71
N GLY A 269 21.51 2.08 -20.43
CA GLY A 269 20.63 2.45 -21.54
C GLY A 269 19.61 3.54 -21.20
N GLY A 270 19.58 4.00 -19.95
CA GLY A 270 18.69 5.06 -19.55
C GLY A 270 19.28 6.46 -19.71
N VAL A 271 18.70 7.44 -18.99
CA VAL A 271 19.06 8.86 -19.15
C VAL A 271 19.80 9.42 -17.96
N LEU A 272 19.91 8.66 -16.87
CA LEU A 272 20.45 9.23 -15.65
C LEU A 272 21.97 9.14 -15.56
N SER A 273 22.57 10.11 -14.90
CA SER A 273 24.00 10.04 -14.69
C SER A 273 24.37 9.11 -13.52
N LYS A 274 23.42 8.84 -12.63
CA LYS A 274 23.60 8.00 -11.49
C LYS A 274 22.23 7.47 -11.03
N SER A 275 22.26 6.48 -10.16
CA SER A 275 21.09 5.95 -9.49
C SER A 275 20.81 6.78 -8.23
N GLY A 276 19.53 6.87 -7.88
CA GLY A 276 19.06 7.47 -6.59
C GLY A 276 18.46 8.88 -6.79
N VAL A 277 17.50 8.98 -7.70
CA VAL A 277 16.95 10.27 -8.12
C VAL A 277 15.43 10.36 -7.97
N VAL A 278 14.97 11.60 -8.00
CA VAL A 278 13.56 11.94 -8.23
C VAL A 278 13.49 12.43 -9.68
N ASP A 279 12.47 11.97 -10.43
CA ASP A 279 12.24 12.45 -11.77
C ASP A 279 10.79 12.19 -12.11
N TYR A 280 10.45 12.46 -13.34
CA TYR A 280 9.09 12.36 -13.80
C TYR A 280 9.11 11.97 -15.30
N SER A 281 7.97 11.44 -15.79
CA SER A 281 7.87 10.99 -17.19
C SER A 281 6.71 11.72 -17.88
N ILE A 282 6.84 11.86 -19.19
CA ILE A 282 5.82 12.37 -20.07
C ILE A 282 5.32 11.16 -20.90
N GLY A 283 4.05 10.85 -20.77
CA GLY A 283 3.50 9.70 -21.54
C GLY A 283 2.42 9.03 -20.74
N LYS A 284 1.90 7.93 -21.33
CA LYS A 284 0.68 7.28 -20.86
C LYS A 284 0.82 6.24 -19.79
N GLY A 285 -0.23 6.23 -18.95
CA GLY A 285 -0.42 5.16 -18.05
C GLY A 285 0.27 5.32 -16.74
N VAL A 286 1.00 6.42 -16.50
CA VAL A 286 1.63 6.63 -15.21
C VAL A 286 0.74 7.40 -14.28
N SER A 287 0.17 8.49 -14.80
N SER A 287 0.32 8.58 -14.70
CA SER A 287 -0.82 9.31 -14.05
CA SER A 287 -0.67 9.29 -13.90
C SER A 287 -2.23 8.66 -14.06
C SER A 287 -2.04 8.70 -14.17
N PRO A 288 -3.05 8.83 -12.99
N PRO A 288 -2.87 8.64 -13.10
CA PRO A 288 -2.73 9.27 -11.63
CA PRO A 288 -2.73 9.29 -11.77
C PRO A 288 -1.87 8.07 -11.25
C PRO A 288 -2.12 8.47 -10.57
N GLY A 289 -0.71 8.26 -10.71
N GLY A 289 -1.42 7.37 -10.78
CA GLY A 289 -0.39 8.03 -9.34
CA GLY A 289 -0.17 7.09 -10.03
C GLY A 289 1.14 8.14 -9.32
C GLY A 289 1.12 7.80 -9.76
N VAL A 290 1.89 7.09 -8.92
CA VAL A 290 3.30 7.33 -8.54
C VAL A 290 4.08 6.02 -8.78
N PHE A 291 5.39 6.13 -8.91
CA PHE A 291 6.25 4.95 -9.20
C PHE A 291 7.56 5.01 -8.45
N VAL A 292 8.10 3.81 -8.32
CA VAL A 292 9.52 3.60 -7.94
C VAL A 292 10.09 2.61 -8.92
N VAL A 293 11.29 2.91 -9.49
CA VAL A 293 12.07 1.89 -10.22
C VAL A 293 13.13 1.40 -9.23
N ALA A 294 13.13 0.08 -8.97
CA ALA A 294 14.05 -0.59 -8.04
C ALA A 294 14.97 -1.51 -8.80
N LYS A 295 16.15 -1.77 -8.24
CA LYS A 295 17.06 -2.70 -8.86
C LYS A 295 17.25 -3.92 -7.97
N MET A 296 17.27 -5.07 -8.61
CA MET A 296 17.67 -6.31 -7.89
C MET A 296 19.17 -6.55 -7.94
N ASP A 297 19.68 -7.09 -6.84
CA ASP A 297 21.12 -7.33 -6.63
CA ASP A 297 21.14 -7.34 -6.70
C ASP A 297 21.48 -8.81 -6.47
N HIS A 298 20.54 -9.70 -6.66
CA HIS A 298 20.80 -11.12 -6.58
C HIS A 298 20.12 -11.80 -7.76
N PRO A 299 20.80 -12.68 -8.48
CA PRO A 299 20.15 -13.29 -9.64
C PRO A 299 18.87 -14.05 -9.37
N ARG A 300 18.73 -14.66 -8.16
CA ARG A 300 17.53 -15.38 -7.89
C ARG A 300 16.36 -14.44 -7.72
N LEU A 301 16.58 -13.29 -7.10
CA LEU A 301 15.51 -12.32 -6.91
C LEU A 301 15.12 -11.71 -8.25
N ASN A 302 16.11 -11.46 -9.11
CA ASN A 302 15.82 -11.06 -10.48
C ASN A 302 14.94 -12.10 -11.22
N GLU A 303 15.32 -13.36 -11.15
CA GLU A 303 14.55 -14.46 -11.75
C GLU A 303 13.13 -14.51 -11.24
N ARG A 304 12.94 -14.37 -9.92
CA ARG A 304 11.60 -14.45 -9.34
CA ARG A 304 11.59 -14.46 -9.33
C ARG A 304 10.69 -13.38 -9.93
N LEU A 305 11.18 -12.18 -10.00
CA LEU A 305 10.37 -11.03 -10.47
C LEU A 305 10.11 -11.20 -11.98
N GLU A 306 11.09 -11.74 -12.69
CA GLU A 306 10.85 -12.05 -14.10
C GLU A 306 9.81 -13.13 -14.26
N ASP A 307 9.86 -14.22 -13.45
CA ASP A 307 8.87 -15.30 -13.50
C ASP A 307 7.44 -14.81 -13.19
N LEU A 308 7.36 -13.82 -12.28
CA LEU A 308 6.09 -13.21 -11.91
C LEU A 308 5.60 -12.19 -12.93
N LYS A 309 6.41 -11.92 -13.94
CA LYS A 309 6.10 -10.96 -15.01
C LYS A 309 5.98 -9.53 -14.53
N ILE A 310 6.80 -9.20 -13.54
CA ILE A 310 6.92 -7.86 -13.01
CA ILE A 310 6.89 -7.85 -13.04
C ILE A 310 7.76 -7.01 -14.00
N GLY A 311 8.62 -7.67 -14.76
CA GLY A 311 9.48 -6.95 -15.70
C GLY A 311 10.63 -7.83 -16.16
N LYS A 312 11.53 -7.18 -16.89
CA LYS A 312 12.82 -7.79 -17.35
C LYS A 312 13.88 -7.01 -16.59
N GLY A 313 14.69 -7.76 -15.85
CA GLY A 313 15.65 -7.22 -14.88
C GLY A 313 16.91 -6.69 -15.47
N PRO A 314 17.73 -6.01 -14.62
CA PRO A 314 17.61 -6.02 -13.16
C PRO A 314 16.73 -4.88 -12.58
N TYR A 315 16.19 -4.01 -13.41
CA TYR A 315 15.36 -2.88 -13.01
C TYR A 315 13.88 -3.24 -13.16
N PHE A 316 13.06 -2.85 -12.16
CA PHE A 316 11.63 -3.19 -12.10
C PHE A 316 10.86 -2.00 -11.63
N THR A 317 9.67 -1.81 -12.21
CA THR A 317 8.79 -0.69 -11.83
C THR A 317 7.69 -1.12 -10.87
N PHE A 318 7.60 -0.42 -9.75
CA PHE A 318 6.51 -0.54 -8.79
C PHE A 318 5.59 0.65 -8.95
N HIS A 319 4.32 0.44 -9.28
CA HIS A 319 3.36 1.53 -9.54
C HIS A 319 2.22 1.47 -8.55
N ARG A 320 1.87 2.62 -8.00
CA ARG A 320 0.61 2.79 -7.27
C ARG A 320 -0.28 3.60 -8.21
N PRO A 321 -1.29 3.00 -8.83
CA PRO A 321 -1.94 3.67 -9.97
C PRO A 321 -3.04 4.64 -9.59
N TYR A 322 -3.08 5.03 -8.35
CA TYR A 322 -4.11 6.01 -7.85
C TYR A 322 -3.54 6.80 -6.70
N HIS A 323 -4.14 7.96 -6.46
N HIS A 323 -4.06 8.01 -6.52
CA HIS A 323 -4.00 8.65 -5.23
CA HIS A 323 -3.87 8.82 -5.34
C HIS A 323 -5.19 9.59 -5.15
C HIS A 323 -5.25 9.51 -5.18
N LEU A 324 -5.77 9.70 -3.95
CA LEU A 324 -7.12 10.28 -3.84
C LEU A 324 -7.15 11.71 -3.33
N THR A 325 -6.01 12.35 -3.28
CA THR A 325 -5.84 13.70 -2.74
C THR A 325 -6.41 13.85 -1.33
N SER A 326 -7.23 14.86 -1.12
CA SER A 326 -7.78 15.15 0.18
CA SER A 326 -7.86 15.16 0.15
C SER A 326 -8.55 13.97 0.81
N LEU A 327 -9.07 13.06 0.00
CA LEU A 327 -9.86 11.96 0.51
C LEU A 327 -8.98 11.03 1.40
N GLU A 328 -7.68 10.91 1.14
CA GLU A 328 -6.83 10.06 2.00
C GLU A 328 -6.36 10.79 3.26
N VAL A 329 -6.50 12.09 3.35
CA VAL A 329 -5.91 12.83 4.51
C VAL A 329 -6.48 12.30 5.83
N PRO A 330 -7.74 11.90 5.90
CA PRO A 330 -8.22 11.37 7.20
C PRO A 330 -7.47 10.09 7.62
N LEU A 331 -6.97 9.29 6.70
CA LEU A 331 -6.17 8.12 7.06
C LEU A 331 -4.89 8.59 7.77
N THR A 332 -4.24 9.66 7.34
CA THR A 332 -3.08 10.23 8.06
C THR A 332 -3.47 10.64 9.45
N VAL A 333 -4.61 11.33 9.61
CA VAL A 333 -5.10 11.69 10.93
C VAL A 333 -5.27 10.49 11.84
N ALA A 334 -5.90 9.43 11.33
CA ALA A 334 -6.11 8.22 12.11
C ALA A 334 -4.74 7.63 12.53
N ARG A 335 -3.80 7.53 11.63
CA ARG A 335 -2.53 6.87 11.94
C ARG A 335 -1.75 7.73 12.94
N VAL A 336 -1.81 9.03 12.81
CA VAL A 336 -1.13 9.95 13.75
C VAL A 336 -1.70 9.79 15.14
N VAL A 337 -3.00 9.85 15.29
CA VAL A 337 -3.60 9.87 16.63
C VAL A 337 -3.67 8.51 17.23
N LEU A 338 -4.11 7.53 16.47
CA LEU A 338 -4.23 6.20 17.02
C LEU A 338 -2.87 5.49 17.21
N HIS A 339 -1.90 5.68 16.31
CA HIS A 339 -0.69 4.88 16.28
C HIS A 339 0.58 5.68 16.53
N GLY A 340 0.48 6.99 16.58
CA GLY A 340 1.65 7.84 16.84
C GLY A 340 2.62 7.83 15.67
N LYS A 341 2.13 7.55 14.47
CA LYS A 341 2.97 7.37 13.29
C LYS A 341 2.73 8.55 12.36
N THR A 342 3.79 9.09 11.77
CA THR A 342 3.70 10.07 10.70
C THR A 342 3.66 9.32 9.38
N ASP A 343 3.03 9.87 8.35
CA ASP A 343 3.06 9.34 7.03
C ASP A 343 4.23 9.86 6.20
N MET A 344 4.73 11.06 6.55
CA MET A 344 5.82 11.66 5.79
C MET A 344 6.35 12.91 6.48
N VAL A 345 7.64 12.94 6.73
CA VAL A 345 8.33 14.11 7.30
C VAL A 345 9.56 14.44 6.48
N PRO A 346 9.93 15.72 6.42
CA PRO A 346 11.23 16.08 5.85
C PRO A 346 12.36 15.53 6.71
N LEU A 347 13.46 15.19 6.08
CA LEU A 347 14.71 14.95 6.78
C LEU A 347 15.28 16.22 7.39
N PRO A 348 16.19 16.11 8.36
CA PRO A 348 16.61 17.34 9.02
C PRO A 348 17.43 18.25 8.12
N LYS A 349 18.11 17.65 7.15
CA LYS A 349 18.96 18.38 6.17
C LYS A 349 18.37 18.27 4.76
N PRO A 350 17.67 19.31 4.26
CA PRO A 350 17.21 19.26 2.86
C PRO A 350 18.33 18.97 1.85
N VAL A 351 17.96 18.20 0.82
CA VAL A 351 18.85 17.92 -0.32
C VAL A 351 18.45 18.67 -1.61
N ALA A 352 17.22 19.17 -1.72
CA ALA A 352 16.72 19.83 -2.89
C ALA A 352 16.05 21.13 -2.46
N GLU A 353 16.08 22.12 -3.35
CA GLU A 353 15.38 23.38 -3.13
C GLU A 353 14.48 23.59 -4.32
N VAL A 354 13.24 23.98 -4.10
CA VAL A 354 12.37 24.48 -5.16
C VAL A 354 12.75 25.93 -5.41
N CYS A 355 13.35 26.16 -6.58
CA CYS A 355 13.78 27.50 -7.03
C CYS A 355 12.76 27.98 -8.06
N ALA A 356 13.05 29.06 -8.77
CA ALA A 356 12.11 29.63 -9.74
C ALA A 356 12.85 30.27 -10.86
N VAL A 357 12.18 30.24 -12.01
CA VAL A 357 12.64 30.77 -13.30
CA VAL A 357 12.68 30.91 -13.20
C VAL A 357 11.61 31.78 -13.79
N ALA A 358 12.04 32.90 -14.39
CA ALA A 358 11.14 33.84 -14.99
C ALA A 358 10.45 33.26 -16.19
N LYS A 359 9.15 33.53 -16.27
CA LYS A 359 8.38 33.24 -17.47
C LYS A 359 8.35 34.33 -18.52
N LYS A 360 8.82 35.53 -18.16
CA LYS A 360 8.83 36.69 -19.06
C LYS A 360 9.91 37.63 -18.59
N ASP A 361 10.33 38.52 -19.46
CA ASP A 361 11.23 39.62 -19.10
C ASP A 361 10.53 40.55 -18.07
N MET A 362 11.30 40.98 -17.06
CA MET A 362 10.81 41.95 -16.06
C MET A 362 11.90 42.96 -15.74
N GLN A 363 11.49 44.19 -15.43
CA GLN A 363 12.42 45.26 -15.09
C GLN A 363 12.37 45.64 -13.63
N PRO A 364 13.43 46.28 -13.14
CA PRO A 364 13.47 46.64 -11.72
C PRO A 364 12.26 47.49 -11.35
N GLY A 365 11.65 47.13 -10.22
CA GLY A 365 10.46 47.84 -9.72
C GLY A 365 9.21 47.02 -9.90
N GLU A 366 9.14 46.19 -10.93
CA GLU A 366 8.00 45.32 -11.07
C GLU A 366 7.93 44.39 -9.90
N HIS A 367 6.75 43.90 -9.57
CA HIS A 367 6.59 42.80 -8.63
C HIS A 367 6.37 41.47 -9.30
N LEU A 368 6.95 40.42 -8.76
CA LEU A 368 6.59 39.07 -9.12
C LEU A 368 5.19 38.81 -8.61
N ASP A 369 4.41 38.06 -9.37
CA ASP A 369 2.97 37.90 -9.04
C ASP A 369 2.77 36.69 -8.14
N ALA A 370 2.50 35.50 -8.67
CA ALA A 370 2.25 34.33 -7.81
C ALA A 370 2.42 33.09 -8.69
N ILE A 371 2.75 31.96 -8.09
CA ILE A 371 2.77 30.69 -8.86
C ILE A 371 1.43 30.49 -9.53
N GLY A 372 1.44 29.93 -10.74
CA GLY A 372 0.25 29.72 -11.51
C GLY A 372 -0.30 30.91 -12.27
N GLN A 373 0.54 31.98 -12.34
CA GLN A 373 0.18 33.19 -13.02
C GLN A 373 1.19 33.49 -14.14
N TYR A 374 1.67 34.73 -14.21
CA TYR A 374 2.43 35.19 -15.36
C TYR A 374 3.94 35.28 -15.22
N CYS A 375 4.47 35.50 -14.03
CA CYS A 375 5.85 35.92 -13.89
C CYS A 375 6.85 34.80 -13.73
N TYR A 376 6.52 33.70 -13.05
CA TYR A 376 7.56 32.73 -12.69
C TYR A 376 6.95 31.34 -12.51
N ARG A 377 7.84 30.38 -12.67
CA ARG A 377 7.52 28.96 -12.53
C ARG A 377 8.60 28.30 -11.64
N SER A 378 8.19 27.24 -10.96
CA SER A 378 9.14 26.57 -10.08
C SER A 378 10.14 25.75 -10.89
N TRP A 379 11.28 25.42 -10.26
CA TRP A 379 12.41 24.75 -10.92
C TRP A 379 13.23 24.08 -9.81
N ILE A 380 13.26 22.78 -9.80
CA ILE A 380 13.99 22.05 -8.77
C ILE A 380 15.46 22.11 -8.98
N MET A 381 16.21 22.29 -7.87
CA MET A 381 17.68 22.24 -7.91
C MET A 381 18.21 21.49 -6.69
N THR A 382 19.42 20.91 -6.74
CA THR A 382 20.00 20.43 -5.48
C THR A 382 20.25 21.67 -4.61
N VAL A 383 20.35 21.43 -3.31
CA VAL A 383 20.67 22.54 -2.39
C VAL A 383 22.02 23.17 -2.71
N PRO A 384 23.08 22.38 -2.97
CA PRO A 384 24.34 23.00 -3.32
C PRO A 384 24.27 23.86 -4.57
N GLU A 385 23.55 23.46 -5.59
CA GLU A 385 23.45 24.28 -6.78
C GLU A 385 22.63 25.53 -6.54
N ALA A 386 21.55 25.40 -5.82
CA ALA A 386 20.73 26.58 -5.44
C ALA A 386 21.56 27.57 -4.63
N ARG A 387 22.31 27.10 -3.65
N ARG A 387 22.31 27.10 -3.65
CA ARG A 387 23.18 28.00 -2.85
CA ARG A 387 23.15 28.03 -2.83
C ARG A 387 24.14 28.74 -3.75
C ARG A 387 24.26 28.70 -3.63
N ALA A 388 24.84 27.98 -4.58
CA ALA A 388 25.88 28.53 -5.38
C ALA A 388 25.38 29.66 -6.27
N ALA A 389 24.15 29.53 -6.73
CA ALA A 389 23.52 30.49 -7.64
C ALA A 389 22.76 31.60 -6.88
N LYS A 390 22.72 31.53 -5.55
CA LYS A 390 22.01 32.46 -4.70
C LYS A 390 20.51 32.45 -5.02
N ALA A 391 19.96 31.27 -5.37
CA ALA A 391 18.59 31.15 -5.75
C ALA A 391 17.68 31.43 -4.58
N ILE A 392 16.58 32.11 -4.86
CA ILE A 392 15.56 32.33 -3.81
C ILE A 392 14.60 31.14 -3.77
N PRO A 393 14.33 30.58 -2.58
CA PRO A 393 13.30 29.55 -2.50
C PRO A 393 11.99 30.07 -3.04
N CYS A 394 11.37 29.27 -3.93
CA CYS A 394 10.17 29.66 -4.68
C CYS A 394 9.04 30.06 -3.76
N GLY A 395 8.93 29.39 -2.60
CA GLY A 395 7.85 29.69 -1.66
C GLY A 395 7.89 31.07 -1.07
N LEU A 396 9.01 31.78 -1.20
CA LEU A 396 9.14 33.15 -0.68
C LEU A 396 8.77 34.24 -1.68
N LEU A 397 8.46 33.90 -2.93
CA LEU A 397 8.50 34.87 -4.02
C LEU A 397 7.24 35.69 -4.26
N GLN A 398 6.10 35.27 -3.76
CA GLN A 398 4.83 35.91 -4.16
C GLN A 398 4.88 37.35 -3.78
N ASN A 399 4.56 38.25 -4.74
CA ASN A 399 4.57 39.69 -4.50
C ASN A 399 6.02 40.21 -4.19
N GLY A 400 7.03 39.44 -4.55
CA GLY A 400 8.43 39.92 -4.34
C GLY A 400 8.75 41.02 -5.30
N THR A 401 9.84 41.74 -5.06
CA THR A 401 10.22 42.91 -5.88
C THR A 401 11.38 42.51 -6.80
N VAL A 402 11.30 42.82 -8.08
CA VAL A 402 12.40 42.70 -8.98
C VAL A 402 13.35 43.86 -8.74
N ILE A 403 14.65 43.56 -8.58
CA ILE A 403 15.60 44.58 -8.28
C ILE A 403 16.74 44.75 -9.33
N ALA A 404 16.75 43.81 -10.32
CA ALA A 404 17.64 43.96 -11.49
C ALA A 404 16.91 43.35 -12.67
N PRO A 405 17.25 43.75 -13.91
CA PRO A 405 16.53 43.15 -15.02
C PRO A 405 16.67 41.65 -15.03
N ILE A 406 15.55 41.01 -15.34
CA ILE A 406 15.44 39.56 -15.43
C ILE A 406 14.94 39.21 -16.84
N LYS A 407 15.57 38.24 -17.49
CA LYS A 407 15.13 37.82 -18.80
C LYS A 407 14.27 36.53 -18.64
N LYS A 408 13.36 36.36 -19.58
CA LYS A 408 12.66 35.10 -19.68
C LYS A 408 13.66 33.90 -19.61
N GLY A 409 13.32 32.93 -18.76
CA GLY A 409 14.16 31.75 -18.63
C GLY A 409 15.25 31.82 -17.57
N GLU A 410 15.47 33.02 -17.00
CA GLU A 410 16.51 33.20 -16.01
C GLU A 410 16.08 32.83 -14.62
N LEU A 411 17.00 32.25 -13.86
CA LEU A 411 16.81 31.92 -12.48
C LEU A 411 16.58 33.22 -11.67
N ILE A 412 15.64 33.17 -10.75
CA ILE A 412 15.35 34.25 -9.76
C ILE A 412 16.26 34.05 -8.54
N THR A 413 17.07 35.07 -8.24
CA THR A 413 18.13 34.99 -7.23
C THR A 413 18.09 36.24 -6.35
N TYR A 414 18.83 36.20 -5.25
CA TYR A 414 18.98 37.35 -4.38
C TYR A 414 19.64 38.51 -5.07
N ALA A 415 20.28 38.32 -6.22
CA ALA A 415 20.88 39.40 -6.98
C ALA A 415 19.86 40.16 -7.86
N ASN A 416 18.77 39.49 -8.20
CA ASN A 416 17.76 40.13 -9.06
C ASN A 416 16.37 40.28 -8.47
N ALA A 417 16.11 39.83 -7.24
CA ALA A 417 14.79 39.95 -6.64
C ALA A 417 14.95 39.92 -5.13
N ALA A 418 13.91 40.41 -4.47
CA ALA A 418 13.90 40.50 -2.99
C ALA A 418 12.52 39.97 -2.59
N PRO A 419 12.46 38.93 -1.77
CA PRO A 419 11.18 38.54 -1.24
C PRO A 419 10.64 39.60 -0.34
N GLN A 420 9.31 39.72 -0.24
CA GLN A 420 8.69 40.46 0.83
C GLN A 420 9.25 39.99 2.19
N PRO A 421 9.87 40.91 2.94
CA PRO A 421 10.63 40.40 4.13
C PRO A 421 9.75 40.06 5.34
N GLY A 422 8.53 40.67 5.35
CA GLY A 422 7.65 40.64 6.52
C GLY A 422 6.68 39.47 6.66
N SER A 423 6.81 38.42 5.84
CA SER A 423 5.92 37.28 5.87
C SER A 423 6.26 36.32 6.97
N ARG A 424 5.24 35.64 7.49
CA ARG A 424 5.49 34.55 8.41
C ARG A 424 6.41 33.51 7.67
N ILE A 425 6.14 33.22 6.40
CA ILE A 425 6.99 32.28 5.69
C ILE A 425 8.46 32.71 5.53
N ALA A 426 8.78 33.96 5.15
CA ALA A 426 10.19 34.44 5.14
C ALA A 426 10.78 34.37 6.56
N GLU A 427 10.01 34.73 7.60
CA GLU A 427 10.53 34.73 8.94
CA GLU A 427 10.46 34.72 9.00
C GLU A 427 10.83 33.32 9.41
N LEU A 428 9.92 32.38 9.09
CA LEU A 428 10.12 31.04 9.56
C LEU A 428 11.26 30.40 8.76
N ARG A 429 11.40 30.76 7.47
CA ARG A 429 12.51 30.25 6.66
C ARG A 429 13.87 30.75 7.22
N ALA A 430 13.93 32.01 7.65
CA ALA A 430 15.17 32.47 8.28
C ALA A 430 15.48 31.69 9.53
N LEU A 431 14.45 31.39 10.36
CA LEU A 431 14.59 30.57 11.51
C LEU A 431 15.12 29.18 11.18
N GLN A 432 14.58 28.62 10.09
CA GLN A 432 15.07 27.29 9.65
C GLN A 432 16.53 27.36 9.27
N ASP A 433 16.89 28.41 8.54
CA ASP A 433 18.31 28.55 8.07
C ASP A 433 19.24 28.74 9.26
N ALA A 434 18.80 29.49 10.28
CA ALA A 434 19.59 29.62 11.52
C ALA A 434 19.75 28.24 12.23
N MET A 435 18.66 27.46 12.26
CA MET A 435 18.64 26.18 12.95
C MET A 435 19.60 25.23 12.23
N LEU A 436 19.63 25.33 10.89
CA LEU A 436 20.52 24.48 10.10
C LEU A 436 21.99 24.88 10.27
N GLY A 437 22.25 26.19 10.39
CA GLY A 437 23.59 26.68 10.74
C GLY A 437 23.97 26.27 12.17
N GLN A 438 22.98 26.27 13.09
CA GLN A 438 23.14 25.78 14.49
C GLN A 438 23.94 26.76 15.34
N MET B 1 21.82 3.94 0.84
CA MET B 1 23.14 3.29 0.89
C MET B 1 23.10 2.14 -0.10
N THR B 2 22.73 0.91 0.34
CA THR B 2 22.24 -0.03 -0.66
C THR B 2 20.95 0.56 -1.18
N THR B 3 20.07 1.10 -0.31
CA THR B 3 18.71 1.46 -0.81
C THR B 3 18.65 2.84 -1.45
N ASN B 4 19.65 3.70 -1.18
CA ASN B 4 19.66 5.07 -1.69
C ASN B 4 18.73 5.97 -0.90
N VAL B 5 18.03 5.48 0.14
CA VAL B 5 17.08 6.33 0.82
C VAL B 5 17.23 6.25 2.35
N ALA B 6 16.88 7.32 3.04
CA ALA B 6 16.78 7.36 4.48
C ALA B 6 15.83 6.29 4.98
N LEU B 7 16.10 5.80 6.20
CA LEU B 7 15.25 4.86 6.86
C LEU B 7 13.91 5.46 7.31
N VAL B 8 12.79 4.92 6.79
CA VAL B 8 11.47 5.31 7.20
C VAL B 8 10.57 4.11 7.52
N GLY B 9 9.55 4.33 8.33
CA GLY B 9 8.53 3.32 8.52
C GLY B 9 9.10 1.98 8.98
N LEU B 10 8.58 0.92 8.38
CA LEU B 10 8.99 -0.42 8.74
C LEU B 10 10.48 -0.61 8.49
N ALA B 11 11.07 0.03 7.47
CA ALA B 11 12.51 -0.11 7.21
C ALA B 11 13.31 0.42 8.43
N ARG B 12 12.87 1.55 8.95
CA ARG B 12 13.45 2.10 10.15
C ARG B 12 13.26 1.20 11.33
N ASP B 13 12.08 0.63 11.52
CA ASP B 13 11.83 -0.26 12.65
C ASP B 13 12.77 -1.47 12.59
N LEU B 14 13.00 -2.01 11.38
CA LEU B 14 13.91 -3.15 11.22
C LEU B 14 15.35 -2.79 11.55
N ALA B 15 15.79 -1.61 11.13
CA ALA B 15 17.12 -1.11 11.45
C ALA B 15 17.29 -0.96 12.95
N ALA B 16 16.24 -0.45 13.64
CA ALA B 16 16.29 -0.31 15.11
C ALA B 16 16.36 -1.69 15.77
N ARG B 17 15.67 -2.66 15.20
CA ARG B 17 15.77 -4.01 15.74
C ARG B 17 17.16 -4.57 15.57
N ALA B 18 17.76 -4.34 14.43
CA ALA B 18 19.13 -4.81 14.18
C ALA B 18 20.10 -4.23 15.22
N GLU B 19 19.87 -2.98 15.60
CA GLU B 19 20.76 -2.26 16.54
C GLU B 19 20.69 -2.84 17.95
N THR B 20 19.63 -3.58 18.28
CA THR B 20 19.55 -4.26 19.55
C THR B 20 20.53 -5.43 19.62
N GLY B 21 21.06 -5.91 18.51
CA GLY B 21 21.91 -7.12 18.44
C GLY B 21 21.17 -8.45 18.50
N LYS B 22 19.83 -8.40 18.57
CA LYS B 22 19.03 -9.62 18.56
C LYS B 22 17.98 -9.50 17.45
N PRO B 23 18.31 -10.09 16.30
CA PRO B 23 17.35 -10.02 15.18
C PRO B 23 16.11 -10.85 15.46
N ILE B 24 14.99 -10.59 14.75
CA ILE B 24 13.85 -11.49 14.72
C ILE B 24 14.37 -12.77 14.03
N ARG B 25 13.99 -13.93 14.56
CA ARG B 25 14.47 -15.20 14.03
C ARG B 25 13.36 -16.11 13.54
N ILE B 26 13.39 -16.40 12.24
CA ILE B 26 12.48 -17.30 11.58
C ILE B 26 12.97 -18.74 11.69
N GLY B 27 12.05 -19.63 12.00
CA GLY B 27 12.23 -21.08 11.88
C GLY B 27 11.53 -21.51 10.62
N LEU B 28 12.30 -21.92 9.62
CA LEU B 28 11.82 -22.16 8.28
C LEU B 28 11.77 -23.66 7.97
N ILE B 29 10.61 -24.23 7.66
CA ILE B 29 10.44 -25.64 7.41
C ILE B 29 10.22 -25.81 5.92
N GLY B 30 11.20 -26.42 5.28
CA GLY B 30 11.16 -26.61 3.84
C GLY B 30 12.20 -25.82 3.10
N ALA B 31 13.10 -26.54 2.43
CA ALA B 31 14.27 -25.93 1.75
C ALA B 31 14.15 -25.88 0.24
N GLY B 32 12.95 -26.04 -0.28
CA GLY B 32 12.70 -26.01 -1.73
C GLY B 32 12.63 -24.59 -2.27
N GLU B 33 11.87 -24.37 -3.33
CA GLU B 33 11.89 -23.08 -4.02
C GLU B 33 11.49 -21.90 -3.14
N MET B 34 10.36 -22.02 -2.43
CA MET B 34 9.91 -20.93 -1.58
C MET B 34 10.84 -20.69 -0.40
N GLY B 35 11.32 -21.76 0.22
CA GLY B 35 12.22 -21.61 1.33
C GLY B 35 13.52 -20.94 0.90
N THR B 36 14.05 -21.37 -0.27
CA THR B 36 15.27 -20.78 -0.75
C THR B 36 15.06 -19.31 -1.10
N ASP B 37 13.90 -18.96 -1.62
CA ASP B 37 13.57 -17.57 -1.83
C ASP B 37 13.62 -16.76 -0.52
N ILE B 38 13.02 -17.32 0.53
CA ILE B 38 13.00 -16.62 1.81
C ILE B 38 14.39 -16.42 2.39
N VAL B 39 15.21 -17.48 2.37
CA VAL B 39 16.59 -17.31 2.82
C VAL B 39 17.30 -16.17 2.04
N THR B 40 17.08 -16.18 0.73
CA THR B 40 17.71 -15.18 -0.16
C THR B 40 17.23 -13.76 0.14
N GLN B 41 15.93 -13.63 0.35
CA GLN B 41 15.37 -12.34 0.66
C GLN B 41 15.77 -11.79 2.00
N VAL B 42 15.76 -12.63 3.04
CA VAL B 42 16.12 -12.17 4.38
C VAL B 42 17.58 -11.69 4.43
N ALA B 43 18.44 -12.27 3.58
CA ALA B 43 19.86 -11.89 3.56
C ALA B 43 20.09 -10.46 3.14
N ARG B 44 19.10 -9.84 2.47
CA ARG B 44 19.13 -8.41 2.01
C ARG B 44 18.57 -7.47 3.05
N MET B 45 17.96 -7.96 4.12
CA MET B 45 17.18 -7.18 5.04
C MET B 45 17.93 -6.98 6.33
N GLN B 46 17.53 -5.99 7.11
CA GLN B 46 18.07 -5.78 8.44
C GLN B 46 17.11 -6.31 9.49
N GLY B 47 17.66 -6.76 10.62
CA GLY B 47 16.87 -7.03 11.81
C GLY B 47 16.04 -8.31 11.86
N ILE B 48 16.24 -9.12 10.82
CA ILE B 48 15.48 -10.37 10.62
C ILE B 48 16.42 -11.36 10.02
N GLU B 49 16.39 -12.59 10.56
CA GLU B 49 17.28 -13.67 10.08
C GLU B 49 16.51 -14.98 10.08
N VAL B 50 16.96 -15.93 9.27
CA VAL B 50 16.53 -17.31 9.37
C VAL B 50 17.40 -17.98 10.39
N GLY B 51 16.83 -18.29 11.55
CA GLY B 51 17.57 -18.99 12.60
C GLY B 51 17.88 -20.43 12.25
N ALA B 52 16.93 -21.13 11.67
CA ALA B 52 17.02 -22.55 11.39
C ALA B 52 16.19 -22.89 10.17
N LEU B 53 16.67 -23.88 9.42
CA LEU B 53 16.08 -24.39 8.21
C LEU B 53 16.04 -25.89 8.20
N SER B 54 14.89 -26.49 7.93
CA SER B 54 14.74 -27.93 7.83
C SER B 54 14.33 -28.37 6.47
N ALA B 55 14.69 -29.62 6.17
CA ALA B 55 14.27 -30.35 4.95
C ALA B 55 14.12 -31.82 5.31
N ARG B 56 13.39 -32.55 4.52
CA ARG B 56 13.27 -34.01 4.74
C ARG B 56 14.62 -34.70 4.59
N ARG B 57 15.39 -34.21 3.62
CA ARG B 57 16.73 -34.76 3.36
C ARG B 57 17.73 -33.64 3.59
N LEU B 58 18.63 -33.88 4.51
CA LEU B 58 19.55 -32.84 4.99
C LEU B 58 20.32 -32.12 3.89
N PRO B 59 20.81 -32.86 2.84
CA PRO B 59 21.54 -32.15 1.80
C PRO B 59 20.80 -30.97 1.14
N ASN B 60 19.47 -31.00 1.09
CA ASN B 60 18.73 -29.92 0.46
C ASN B 60 18.79 -28.58 1.26
N THR B 61 19.06 -28.69 2.55
CA THR B 61 19.29 -27.47 3.33
C THR B 61 20.55 -26.73 2.90
N PHE B 62 21.65 -27.48 2.80
CA PHE B 62 22.90 -26.94 2.31
C PHE B 62 22.75 -26.39 0.89
N LYS B 63 21.98 -27.08 0.06
CA LYS B 63 21.74 -26.60 -1.32
C LYS B 63 21.05 -25.23 -1.36
N ALA B 64 20.03 -25.06 -0.52
CA ALA B 64 19.33 -23.81 -0.43
C ALA B 64 20.27 -22.69 -0.01
N ILE B 65 21.08 -22.96 1.02
CA ILE B 65 22.05 -21.97 1.50
C ILE B 65 23.09 -21.59 0.41
N ARG B 66 23.61 -22.60 -0.28
CA ARG B 66 24.57 -22.38 -1.40
C ARG B 66 23.95 -21.52 -2.50
N THR B 67 22.67 -21.78 -2.85
CA THR B 67 22.00 -20.93 -3.83
C THR B 67 21.84 -19.48 -3.38
N ALA B 68 21.47 -19.30 -2.11
CA ALA B 68 21.31 -17.98 -1.54
C ALA B 68 22.64 -17.19 -1.49
N TYR B 69 23.69 -17.84 -0.98
CA TYR B 69 24.96 -17.13 -0.61
C TYR B 69 26.16 -17.40 -1.54
N GLY B 70 26.12 -18.48 -2.28
CA GLY B 70 27.21 -18.94 -3.20
C GLY B 70 28.17 -19.92 -2.55
N ASP B 71 27.96 -20.23 -1.29
CA ASP B 71 28.74 -21.25 -0.56
C ASP B 71 27.96 -21.65 0.71
N GLU B 72 28.48 -22.61 1.45
CA GLU B 72 27.81 -23.22 2.64
C GLU B 72 28.32 -22.70 3.97
N GLU B 73 29.12 -21.63 4.00
CA GLU B 73 29.71 -21.15 5.19
C GLU B 73 28.78 -20.72 6.30
N ASN B 74 27.54 -20.32 5.93
CA ASN B 74 26.58 -19.89 6.92
C ASN B 74 25.79 -21.08 7.47
N ALA B 75 25.92 -22.25 6.91
CA ALA B 75 25.11 -23.42 7.36
C ALA B 75 25.87 -24.18 8.47
N ARG B 76 25.15 -24.67 9.47
CA ARG B 76 25.75 -25.60 10.45
C ARG B 76 24.72 -26.63 10.84
N GLU B 77 25.04 -27.89 10.63
CA GLU B 77 24.19 -29.01 11.00
C GLU B 77 23.90 -29.07 12.50
N ALA B 78 22.62 -29.29 12.86
CA ALA B 78 22.20 -29.43 14.24
C ALA B 78 21.10 -30.47 14.32
N THR B 79 21.29 -31.52 15.15
CA THR B 79 20.25 -32.52 15.33
C THR B 79 19.83 -32.71 16.77
N THR B 80 20.29 -31.84 17.65
CA THR B 80 19.75 -31.72 18.97
C THR B 80 19.52 -30.22 19.29
N GLU B 81 18.78 -29.95 20.36
CA GLU B 81 18.54 -28.56 20.76
C GLU B 81 19.81 -27.83 21.11
N SER B 82 20.70 -28.44 21.91
N SER B 82 20.69 -28.46 21.89
CA SER B 82 21.91 -27.73 22.31
CA SER B 82 21.89 -27.83 22.31
C SER B 82 22.77 -27.35 21.08
C SER B 82 22.76 -27.38 21.10
N ALA B 83 22.81 -28.25 20.09
CA ALA B 83 23.57 -27.97 18.87
C ALA B 83 22.89 -26.84 18.08
N MET B 84 21.56 -26.88 17.98
CA MET B 84 20.88 -25.81 17.25
C MET B 84 21.08 -24.44 17.90
N THR B 85 20.89 -24.35 19.20
CA THR B 85 21.11 -23.13 19.91
C THR B 85 22.53 -22.59 19.77
N ARG B 86 23.52 -23.48 19.89
CA ARG B 86 24.91 -23.07 19.63
C ARG B 86 25.07 -22.54 18.24
N ALA B 87 24.50 -23.19 17.25
CA ALA B 87 24.66 -22.73 15.86
C ALA B 87 24.12 -21.30 15.72
N ILE B 88 22.93 -21.08 16.23
CA ILE B 88 22.31 -19.77 16.11
C ILE B 88 23.15 -18.70 16.84
N GLU B 89 23.59 -19.03 18.04
CA GLU B 89 24.49 -18.13 18.80
C GLU B 89 25.80 -17.84 18.06
N ALA B 90 26.29 -18.75 17.25
CA ALA B 90 27.51 -18.57 16.46
C ALA B 90 27.22 -17.76 15.17
N GLY B 91 25.98 -17.31 14.96
CA GLY B 91 25.60 -16.56 13.75
C GLY B 91 25.39 -17.41 12.51
N LYS B 92 25.15 -18.69 12.71
CA LYS B 92 24.88 -19.59 11.62
C LYS B 92 23.36 -19.81 11.48
N ILE B 93 22.99 -20.29 10.31
CA ILE B 93 21.67 -20.89 10.08
C ILE B 93 21.84 -22.34 10.47
N ALA B 94 21.16 -22.76 11.56
CA ALA B 94 21.13 -24.16 11.93
C ALA B 94 20.37 -24.95 10.89
N VAL B 95 20.92 -26.02 10.33
CA VAL B 95 20.21 -26.82 9.39
C VAL B 95 19.95 -28.22 9.93
N THR B 96 18.78 -28.74 9.65
CA THR B 96 18.37 -30.01 10.22
C THR B 96 17.40 -30.72 9.36
N ASP B 97 17.25 -32.03 9.61
CA ASP B 97 16.17 -32.79 9.01
C ASP B 97 15.03 -33.11 10.00
N ASP B 98 15.02 -32.44 11.18
CA ASP B 98 14.08 -32.74 12.28
C ASP B 98 13.28 -31.43 12.53
N ASN B 99 12.05 -31.35 12.00
CA ASN B 99 11.19 -30.14 12.16
C ASN B 99 10.97 -29.81 13.62
N ASP B 100 10.88 -30.82 14.47
CA ASP B 100 10.55 -30.56 15.86
C ASP B 100 11.59 -29.73 16.58
N LEU B 101 12.88 -29.81 16.13
CA LEU B 101 13.91 -28.99 16.72
C LEU B 101 13.68 -27.48 16.47
N ILE B 102 13.23 -27.19 15.25
CA ILE B 102 12.89 -25.80 14.95
C ILE B 102 11.65 -25.33 15.67
N LEU B 103 10.64 -26.20 15.71
CA LEU B 103 9.35 -25.85 16.35
C LEU B 103 9.44 -25.59 17.83
N SER B 104 10.44 -26.19 18.47
CA SER B 104 10.65 -26.05 19.94
C SER B 104 11.88 -25.27 20.37
N ASN B 105 12.66 -24.72 19.43
CA ASN B 105 13.89 -24.03 19.84
C ASN B 105 13.59 -22.68 20.47
N PRO B 106 14.21 -22.37 21.64
CA PRO B 106 13.81 -21.20 22.34
C PRO B 106 14.13 -19.88 21.66
N LEU B 107 15.07 -19.92 20.68
CA LEU B 107 15.51 -18.70 20.02
C LEU B 107 14.66 -18.39 18.78
N ILE B 108 13.72 -19.28 18.42
CA ILE B 108 12.88 -19.06 17.22
C ILE B 108 11.64 -18.27 17.54
N ASP B 109 11.43 -17.14 16.87
CA ASP B 109 10.26 -16.28 17.16
C ASP B 109 9.02 -16.67 16.38
N VAL B 110 9.19 -17.06 15.12
CA VAL B 110 8.06 -17.26 14.19
CA VAL B 110 8.06 -17.25 14.20
C VAL B 110 8.35 -18.45 13.30
N ILE B 111 7.37 -19.30 13.10
CA ILE B 111 7.46 -20.49 12.19
C ILE B 111 6.82 -20.23 10.86
N ILE B 112 7.49 -20.57 9.77
CA ILE B 112 6.93 -20.56 8.41
C ILE B 112 7.16 -21.92 7.81
N ASP B 113 6.11 -22.59 7.32
CA ASP B 113 6.24 -23.85 6.58
C ASP B 113 6.20 -23.52 5.07
N ALA B 114 7.30 -23.79 4.41
CA ALA B 114 7.44 -23.51 3.00
C ALA B 114 7.47 -24.76 2.18
N THR B 115 6.97 -25.91 2.70
CA THR B 115 7.01 -27.23 2.00
C THR B 115 6.04 -27.30 0.85
N GLY B 116 4.99 -26.50 0.90
CA GLY B 116 3.94 -26.65 -0.11
C GLY B 116 3.04 -27.83 0.07
N ILE B 117 3.09 -28.49 1.22
CA ILE B 117 2.30 -29.71 1.50
C ILE B 117 1.25 -29.36 2.57
N PRO B 118 -0.05 -29.33 2.24
CA PRO B 118 -1.05 -28.88 3.21
C PRO B 118 -1.02 -29.67 4.50
N GLU B 119 -0.84 -30.97 4.43
CA GLU B 119 -0.86 -31.81 5.69
C GLU B 119 0.31 -31.40 6.59
N VAL B 120 1.47 -31.16 6.01
CA VAL B 120 2.63 -30.69 6.78
C VAL B 120 2.37 -29.30 7.33
N GLY B 121 1.75 -28.40 6.57
CA GLY B 121 1.44 -27.09 7.11
C GLY B 121 0.48 -27.15 8.29
N ALA B 122 -0.50 -28.05 8.23
CA ALA B 122 -1.39 -28.33 9.36
C ALA B 122 -0.64 -28.86 10.57
N GLU B 123 0.18 -29.90 10.37
CA GLU B 123 0.94 -30.54 11.43
C GLU B 123 1.91 -29.56 12.11
N THR B 124 2.72 -28.85 11.28
CA THR B 124 3.67 -27.93 11.86
C THR B 124 2.98 -26.68 12.42
N GLY B 125 1.82 -26.33 11.87
CA GLY B 125 1.10 -25.16 12.34
C GLY B 125 0.57 -25.29 13.76
N ILE B 126 -0.13 -26.41 13.97
CA ILE B 126 -0.60 -26.64 15.34
C ILE B 126 0.59 -26.86 16.30
N ALA B 127 1.67 -27.52 15.86
CA ALA B 127 2.87 -27.65 16.68
C ALA B 127 3.50 -26.31 17.05
N ALA B 128 3.56 -25.41 16.09
CA ALA B 128 4.11 -24.09 16.33
C ALA B 128 3.31 -23.40 17.46
N ILE B 129 1.98 -23.43 17.33
CA ILE B 129 1.14 -22.76 18.27
C ILE B 129 1.26 -23.47 19.65
N ARG B 130 1.32 -24.78 19.66
CA ARG B 130 1.45 -25.46 20.97
CA ARG B 130 1.55 -25.54 20.95
C ARG B 130 2.79 -25.12 21.66
N ASN B 131 3.85 -24.87 20.90
CA ASN B 131 5.15 -24.41 21.37
C ASN B 131 5.22 -22.90 21.68
N GLY B 132 4.09 -22.18 21.55
CA GLY B 132 4.03 -20.79 21.91
C GLY B 132 4.73 -19.83 20.93
N LYS B 133 4.83 -20.25 19.66
CA LYS B 133 5.40 -19.46 18.58
C LYS B 133 4.30 -18.87 17.66
N HIS B 134 4.64 -17.67 17.18
CA HIS B 134 3.82 -17.10 16.13
C HIS B 134 3.92 -17.97 14.86
N LEU B 135 2.85 -17.95 14.08
CA LEU B 135 2.69 -18.78 12.88
C LEU B 135 2.32 -17.95 11.69
N VAL B 136 3.15 -17.95 10.66
CA VAL B 136 2.86 -17.34 9.37
C VAL B 136 2.65 -18.47 8.38
N MET B 137 1.44 -18.53 7.87
CA MET B 137 0.99 -19.59 6.96
C MET B 137 1.16 -19.14 5.52
N MET B 138 1.94 -19.87 4.72
CA MET B 138 1.96 -19.69 3.28
CA MET B 138 1.95 -19.69 3.26
C MET B 138 1.04 -20.67 2.56
N ASN B 139 0.73 -21.79 3.19
CA ASN B 139 -0.12 -22.80 2.55
C ASN B 139 -1.56 -22.39 2.56
N VAL B 140 -2.01 -21.78 1.46
CA VAL B 140 -3.38 -21.32 1.42
C VAL B 140 -4.36 -22.48 1.39
N GLU B 141 -4.00 -23.61 0.78
CA GLU B 141 -4.86 -24.80 0.78
C GLU B 141 -5.18 -25.27 2.20
N ALA B 142 -4.16 -25.24 3.05
CA ALA B 142 -4.37 -25.55 4.45
C ALA B 142 -5.23 -24.49 5.11
N ASP B 143 -4.91 -23.20 4.91
CA ASP B 143 -5.62 -22.14 5.56
C ASP B 143 -7.11 -22.16 5.29
N VAL B 144 -7.52 -22.44 4.06
CA VAL B 144 -8.95 -22.48 3.75
C VAL B 144 -9.65 -23.70 4.30
N THR B 145 -8.88 -24.68 4.78
CA THR B 145 -9.45 -25.92 5.30
C THR B 145 -9.58 -25.85 6.80
N ILE B 146 -8.53 -25.42 7.47
CA ILE B 146 -8.41 -25.45 8.94
C ILE B 146 -7.96 -24.14 9.56
N GLY B 147 -7.94 -23.05 8.79
CA GLY B 147 -7.50 -21.76 9.27
C GLY B 147 -8.24 -21.28 10.50
N PRO B 148 -9.60 -21.39 10.47
CA PRO B 148 -10.33 -20.90 11.67
C PRO B 148 -9.89 -21.61 12.93
N TYR B 149 -9.69 -22.90 12.84
CA TYR B 149 -9.21 -23.68 14.01
C TYR B 149 -7.81 -23.24 14.44
N LEU B 150 -6.90 -23.03 13.48
CA LEU B 150 -5.57 -22.55 13.86
C LEU B 150 -5.61 -21.19 14.52
N LYS B 151 -6.42 -20.30 13.99
CA LYS B 151 -6.56 -19.00 14.51
C LYS B 151 -7.11 -19.06 15.94
N ALA B 152 -8.15 -19.88 16.13
CA ALA B 152 -8.68 -20.01 17.49
C ALA B 152 -7.62 -20.54 18.44
N GLN B 153 -6.81 -21.51 18.02
CA GLN B 153 -5.80 -22.07 18.91
C GLN B 153 -4.67 -21.08 19.16
N ALA B 154 -4.35 -20.29 18.15
CA ALA B 154 -3.39 -19.23 18.29
C ALA B 154 -3.85 -18.23 19.34
N ASP B 155 -5.10 -17.82 19.24
CA ASP B 155 -5.68 -16.91 20.25
C ASP B 155 -5.63 -17.56 21.65
N LYS B 156 -5.93 -18.87 21.76
CA LYS B 156 -5.88 -19.55 23.09
C LYS B 156 -4.48 -19.51 23.66
N GLN B 157 -3.47 -19.57 22.79
CA GLN B 157 -2.06 -19.50 23.22
C GLN B 157 -1.42 -18.12 23.31
N GLY B 158 -2.14 -17.08 22.94
CA GLY B 158 -1.61 -15.78 22.95
C GLY B 158 -0.56 -15.48 21.90
N VAL B 159 -0.62 -16.19 20.77
CA VAL B 159 0.33 -15.94 19.65
C VAL B 159 -0.46 -15.44 18.47
N ILE B 160 0.25 -14.94 17.45
CA ILE B 160 -0.37 -14.40 16.26
C ILE B 160 -0.27 -15.39 15.11
N TYR B 161 -1.41 -15.59 14.48
CA TYR B 161 -1.59 -16.29 13.23
C TYR B 161 -1.76 -15.31 12.11
N SER B 162 -1.09 -15.54 10.97
CA SER B 162 -1.31 -14.72 9.78
C SER B 162 -1.01 -15.45 8.50
N LEU B 163 -1.74 -15.19 7.43
CA LEU B 163 -1.27 -15.59 6.13
C LEU B 163 -0.03 -14.69 5.79
N GLY B 164 0.92 -15.19 5.04
CA GLY B 164 2.01 -14.36 4.61
C GLY B 164 1.63 -13.40 3.46
N ALA B 165 2.18 -12.19 3.52
CA ALA B 165 2.09 -11.21 2.50
C ALA B 165 2.68 -11.72 1.21
N GLY B 166 2.24 -11.12 0.13
CA GLY B 166 2.81 -11.37 -1.20
C GLY B 166 2.11 -12.33 -2.11
N ASP B 167 1.11 -13.04 -1.60
CA ASP B 167 0.27 -13.91 -2.39
C ASP B 167 -1.03 -13.17 -2.61
N GLU B 168 -1.72 -13.51 -3.69
CA GLU B 168 -2.91 -12.75 -4.05
C GLU B 168 -3.89 -12.51 -2.91
N PRO B 169 -4.22 -13.50 -2.07
CA PRO B 169 -5.21 -13.21 -0.98
C PRO B 169 -4.76 -12.10 -0.05
N SER B 170 -3.49 -12.15 0.42
CA SER B 170 -3.06 -11.16 1.41
C SER B 170 -2.79 -9.81 0.75
N SER B 171 -2.31 -9.82 -0.49
CA SER B 171 -2.13 -8.59 -1.22
C SER B 171 -3.45 -7.90 -1.41
N CYS B 172 -4.48 -8.63 -1.76
CA CYS B 172 -5.85 -8.07 -1.93
C CYS B 172 -6.33 -7.50 -0.60
N MET B 173 -6.04 -8.15 0.52
CA MET B 173 -6.44 -7.61 1.79
C MET B 173 -5.90 -6.20 2.01
N GLU B 174 -4.71 -5.84 1.50
CA GLU B 174 -4.23 -4.48 1.64
CA GLU B 174 -4.22 -4.49 1.67
C GLU B 174 -5.18 -3.49 1.02
N LEU B 175 -5.69 -3.79 -0.19
CA LEU B 175 -6.65 -2.94 -0.86
C LEU B 175 -7.97 -2.89 -0.12
N ILE B 176 -8.41 -4.05 0.36
CA ILE B 176 -9.69 -4.10 1.11
C ILE B 176 -9.67 -3.23 2.37
N GLU B 177 -8.57 -3.24 3.10
CA GLU B 177 -8.36 -2.45 4.31
C GLU B 177 -8.45 -0.97 3.94
N PHE B 178 -7.77 -0.58 2.87
CA PHE B 178 -7.74 0.83 2.43
C PHE B 178 -9.16 1.30 2.08
N VAL B 179 -9.86 0.59 1.20
CA VAL B 179 -11.21 1.02 0.71
C VAL B 179 -12.16 1.03 1.86
N SER B 180 -12.09 0.03 2.75
CA SER B 180 -13.05 -0.06 3.82
C SER B 180 -12.79 0.93 4.96
N ALA B 181 -11.54 1.28 5.23
CA ALA B 181 -11.18 2.29 6.25
C ALA B 181 -11.78 3.65 5.78
N LEU B 182 -11.79 3.88 4.46
CA LEU B 182 -12.40 5.08 3.88
C LEU B 182 -13.92 5.07 3.84
N GLY B 183 -14.52 3.95 4.22
CA GLY B 183 -15.96 3.81 4.29
C GLY B 183 -16.66 3.55 2.99
N TYR B 184 -15.92 3.06 2.01
CA TYR B 184 -16.47 2.78 0.71
C TYR B 184 -16.98 1.36 0.58
N GLU B 185 -17.98 1.15 -0.27
CA GLU B 185 -18.57 -0.18 -0.54
C GLU B 185 -17.55 -1.00 -1.40
N VAL B 186 -17.19 -2.21 -0.90
CA VAL B 186 -16.45 -3.17 -1.69
C VAL B 186 -17.42 -4.01 -2.48
N VAL B 187 -17.41 -3.79 -3.79
CA VAL B 187 -18.36 -4.42 -4.70
C VAL B 187 -17.84 -5.79 -5.12
N SER B 188 -16.60 -5.83 -5.54
CA SER B 188 -15.94 -7.09 -5.91
C SER B 188 -14.45 -6.97 -5.59
N ALA B 189 -13.79 -8.11 -5.42
CA ALA B 189 -12.33 -8.15 -5.12
C ALA B 189 -11.84 -9.44 -5.68
N GLY B 190 -10.60 -9.44 -6.12
CA GLY B 190 -9.94 -10.65 -6.58
C GLY B 190 -8.67 -10.45 -7.37
N LYS B 191 -8.45 -11.39 -8.28
CA LYS B 191 -7.25 -11.49 -9.09
C LYS B 191 -7.59 -11.66 -10.59
N GLY B 192 -6.56 -11.70 -11.41
CA GLY B 192 -6.80 -12.01 -12.82
C GLY B 192 -5.88 -13.09 -13.33
N LYS B 193 -6.15 -13.53 -14.54
CA LYS B 193 -5.32 -14.49 -15.24
C LYS B 193 -5.29 -13.99 -16.68
N ASN B 194 -4.13 -14.04 -17.32
CA ASN B 194 -4.00 -13.58 -18.68
C ASN B 194 -4.81 -14.40 -19.67
N ASN B 195 -4.79 -15.73 -19.53
CA ASN B 195 -5.44 -16.64 -20.49
C ASN B 195 -6.57 -17.43 -19.83
N PRO B 196 -7.55 -17.91 -20.63
CA PRO B 196 -8.61 -18.75 -20.09
C PRO B 196 -8.12 -20.03 -19.37
N LEU B 197 -8.90 -20.47 -18.39
CA LEU B 197 -8.64 -21.72 -17.74
C LEU B 197 -8.88 -22.91 -18.67
N ASN B 198 -8.22 -24.01 -18.40
CA ASN B 198 -8.51 -25.31 -19.08
C ASN B 198 -8.79 -26.34 -17.94
N PHE B 199 -10.07 -26.58 -17.67
CA PHE B 199 -10.45 -27.43 -16.56
C PHE B 199 -10.01 -28.87 -16.78
N ASP B 200 -9.70 -29.27 -18.02
CA ASP B 200 -9.29 -30.62 -18.34
C ASP B 200 -7.76 -30.86 -18.33
N ALA B 201 -6.97 -29.84 -17.98
CA ALA B 201 -5.56 -29.98 -17.98
C ALA B 201 -5.08 -31.07 -17.05
N THR B 202 -4.01 -31.76 -17.47
CA THR B 202 -3.35 -32.82 -16.62
C THR B 202 -1.83 -32.69 -16.72
N PRO B 203 -1.04 -33.44 -15.93
CA PRO B 203 0.38 -33.40 -16.10
C PRO B 203 0.90 -33.82 -17.51
N ASP B 204 0.11 -34.60 -18.23
CA ASP B 204 0.50 -34.96 -19.62
C ASP B 204 0.64 -33.68 -20.47
N ASP B 205 -0.17 -32.68 -20.23
CA ASP B 205 -0.13 -31.46 -21.02
C ASP B 205 1.03 -30.52 -20.68
N TYR B 206 1.57 -30.66 -19.45
CA TYR B 206 2.52 -29.70 -18.88
C TYR B 206 3.87 -30.25 -18.50
N ARG B 207 4.00 -31.57 -18.66
CA ARG B 207 5.19 -32.20 -18.17
C ARG B 207 6.40 -31.62 -18.95
N GLN B 208 6.21 -31.30 -20.21
CA GLN B 208 7.28 -30.65 -20.98
C GLN B 208 7.74 -29.21 -20.51
N GLU B 209 6.80 -28.30 -20.27
CA GLU B 209 7.12 -27.03 -19.66
C GLU B 209 7.76 -27.22 -18.26
N ALA B 210 7.24 -28.17 -17.46
CA ALA B 210 7.79 -28.39 -16.13
C ALA B 210 9.27 -28.79 -16.20
N ASP B 211 9.61 -29.64 -17.16
CA ASP B 211 10.97 -30.13 -17.32
C ASP B 211 11.86 -28.93 -17.73
N ARG B 212 11.37 -28.19 -18.71
CA ARG B 212 12.09 -27.06 -19.22
C ARG B 212 12.33 -25.99 -18.17
N ARG B 213 11.34 -25.73 -17.31
CA ARG B 213 11.46 -24.74 -16.25
C ARG B 213 11.98 -25.28 -14.90
N ASN B 214 12.34 -26.54 -14.87
CA ASN B 214 12.80 -27.23 -13.65
C ASN B 214 11.83 -26.92 -12.52
N MET B 215 10.55 -27.18 -12.74
CA MET B 215 9.60 -26.95 -11.71
C MET B 215 8.55 -28.03 -11.60
N ASN B 216 7.82 -27.98 -10.51
CA ASN B 216 6.83 -29.01 -10.21
C ASN B 216 5.64 -28.89 -11.15
N VAL B 217 5.37 -29.94 -11.93
CA VAL B 217 4.30 -29.91 -12.86
C VAL B 217 2.94 -29.63 -12.23
N ARG B 218 2.79 -30.04 -10.97
CA ARG B 218 1.50 -29.81 -10.32
C ARG B 218 1.19 -28.33 -10.15
N LEU B 219 2.24 -27.50 -10.02
CA LEU B 219 2.05 -26.05 -9.93
C LEU B 219 1.46 -25.47 -11.22
N LEU B 220 1.86 -26.03 -12.34
CA LEU B 220 1.32 -25.62 -13.65
C LEU B 220 -0.12 -26.05 -13.77
N VAL B 221 -0.42 -27.33 -13.51
CA VAL B 221 -1.76 -27.84 -13.67
C VAL B 221 -2.75 -27.11 -12.80
N GLU B 222 -2.43 -26.88 -11.52
CA GLU B 222 -3.37 -26.20 -10.62
C GLU B 222 -3.62 -24.74 -10.97
N PHE B 223 -2.70 -24.06 -11.63
CA PHE B 223 -2.75 -22.75 -12.30
C PHE B 223 -3.75 -22.82 -13.46
N ILE B 224 -3.63 -23.74 -14.36
CA ILE B 224 -4.38 -23.78 -15.61
C ILE B 224 -5.77 -24.26 -15.33
N ASP B 225 -5.96 -25.22 -14.38
CA ASP B 225 -7.27 -25.81 -14.16
C ASP B 225 -8.17 -25.04 -13.22
N GLY B 226 -7.70 -23.91 -12.72
CA GLY B 226 -8.49 -23.02 -11.90
C GLY B 226 -8.32 -23.27 -10.43
N SER B 227 -7.70 -24.39 -10.04
CA SER B 227 -7.75 -24.77 -8.63
C SER B 227 -7.13 -23.70 -7.73
N LYS B 228 -5.95 -23.20 -8.06
CA LYS B 228 -5.30 -22.19 -7.26
C LYS B 228 -6.14 -20.92 -7.12
N THR B 229 -6.82 -20.53 -8.19
CA THR B 229 -7.69 -19.34 -8.16
C THR B 229 -8.85 -19.58 -7.21
N MET B 230 -9.42 -20.79 -7.23
CA MET B 230 -10.56 -21.07 -6.33
C MET B 230 -10.14 -20.96 -4.86
N VAL B 231 -8.94 -21.49 -4.58
CA VAL B 231 -8.40 -21.43 -3.23
C VAL B 231 -8.15 -20.00 -2.76
N GLU B 232 -7.47 -19.25 -3.61
CA GLU B 232 -7.08 -17.88 -3.26
C GLU B 232 -8.33 -17.02 -3.03
N MET B 233 -9.33 -17.16 -3.88
CA MET B 233 -10.55 -16.38 -3.74
C MET B 233 -11.35 -16.78 -2.47
N ALA B 234 -11.33 -18.07 -2.15
CA ALA B 234 -11.95 -18.49 -0.92
C ALA B 234 -11.26 -17.92 0.29
N ALA B 235 -9.91 -17.79 0.29
CA ALA B 235 -9.23 -17.19 1.42
C ALA B 235 -9.70 -15.74 1.59
N ILE B 236 -9.79 -14.98 0.49
CA ILE B 236 -10.28 -13.59 0.60
C ILE B 236 -11.72 -13.61 1.17
N ALA B 237 -12.57 -14.46 0.62
CA ALA B 237 -13.97 -14.58 1.12
C ALA B 237 -14.00 -14.80 2.61
N ASN B 238 -13.20 -15.77 3.04
CA ASN B 238 -13.24 -16.18 4.45
C ASN B 238 -12.60 -15.23 5.44
N ALA B 239 -11.88 -14.22 4.93
CA ALA B 239 -11.33 -13.13 5.72
C ALA B 239 -12.20 -11.87 5.73
N THR B 240 -13.22 -11.85 4.89
CA THR B 240 -13.97 -10.59 4.63
C THR B 240 -15.49 -10.72 4.78
N GLY B 241 -16.05 -11.86 4.47
CA GLY B 241 -17.49 -11.97 4.30
C GLY B 241 -18.00 -11.77 2.89
N LEU B 242 -17.12 -11.38 1.94
CA LEU B 242 -17.42 -11.43 0.53
C LEU B 242 -17.70 -12.87 0.13
N VAL B 243 -18.57 -13.05 -0.85
CA VAL B 243 -18.97 -14.42 -1.26
C VAL B 243 -18.80 -14.64 -2.76
N PRO B 244 -18.56 -15.88 -3.21
CA PRO B 244 -18.69 -16.14 -4.60
C PRO B 244 -20.16 -15.92 -5.05
N ASP B 245 -20.38 -15.26 -6.17
CA ASP B 245 -21.80 -14.91 -6.59
C ASP B 245 -22.53 -16.14 -7.13
N ILE B 246 -21.77 -17.08 -7.67
CA ILE B 246 -22.24 -18.36 -8.17
C ILE B 246 -21.13 -19.35 -7.86
N ALA B 247 -21.44 -20.64 -7.71
CA ALA B 247 -20.41 -21.64 -7.49
C ALA B 247 -19.43 -21.57 -8.65
N GLY B 248 -18.14 -21.60 -8.33
CA GLY B 248 -17.06 -21.47 -9.28
C GLY B 248 -16.68 -20.06 -9.69
N MET B 249 -17.52 -19.10 -9.34
CA MET B 249 -17.40 -17.69 -9.70
C MET B 249 -17.68 -17.45 -11.19
N HIS B 250 -17.79 -16.19 -11.60
CA HIS B 250 -18.14 -15.91 -13.01
C HIS B 250 -16.95 -16.00 -13.92
N GLY B 251 -15.78 -15.46 -13.48
CA GLY B 251 -14.60 -15.48 -14.28
C GLY B 251 -14.73 -14.89 -15.66
N PRO B 252 -15.37 -13.71 -15.77
CA PRO B 252 -15.57 -13.12 -17.07
C PRO B 252 -14.31 -12.67 -17.75
N ARG B 253 -14.44 -12.46 -19.07
CA ARG B 253 -13.45 -11.84 -19.86
C ARG B 253 -13.47 -10.32 -19.55
N ALA B 254 -12.37 -9.80 -19.02
CA ALA B 254 -12.28 -8.39 -18.68
C ALA B 254 -10.84 -8.01 -18.49
N SER B 255 -10.39 -7.03 -19.25
CA SER B 255 -9.09 -6.40 -19.02
C SER B 255 -9.20 -5.50 -17.79
N ILE B 256 -8.04 -5.04 -17.36
CA ILE B 256 -7.97 -4.12 -16.20
C ILE B 256 -8.90 -2.92 -16.33
N ASP B 257 -9.05 -2.38 -17.53
CA ASP B 257 -9.88 -1.24 -17.76
C ASP B 257 -11.38 -1.52 -17.87
N GLN B 258 -11.73 -2.80 -17.84
CA GLN B 258 -13.11 -3.24 -17.96
C GLN B 258 -13.73 -3.73 -16.66
N LEU B 259 -12.92 -3.92 -15.60
CA LEU B 259 -13.44 -4.47 -14.36
C LEU B 259 -14.57 -3.69 -13.75
N SER B 260 -14.47 -2.36 -13.81
CA SER B 260 -15.48 -1.52 -13.18
CA SER B 260 -15.49 -1.54 -13.16
C SER B 260 -16.81 -1.45 -13.92
N HIS B 261 -16.88 -2.02 -15.10
CA HIS B 261 -18.18 -2.18 -15.77
C HIS B 261 -18.62 -3.65 -15.92
N THR B 262 -17.84 -4.58 -15.36
CA THR B 262 -18.07 -6.02 -15.55
C THR B 262 -18.37 -6.69 -14.21
N LEU B 263 -17.45 -6.54 -13.25
CA LEU B 263 -17.63 -7.16 -11.93
C LEU B 263 -18.32 -6.24 -10.98
N ILE B 264 -19.57 -5.91 -11.41
CA ILE B 264 -20.51 -5.03 -10.74
C ILE B 264 -21.91 -5.66 -10.96
N PRO B 265 -22.93 -5.15 -10.26
CA PRO B 265 -24.26 -5.72 -10.48
C PRO B 265 -24.81 -5.64 -11.89
N GLN B 266 -25.54 -6.70 -12.23
CA GLN B 266 -26.26 -6.80 -13.49
C GLN B 266 -27.17 -5.62 -13.76
N ALA B 267 -27.81 -5.11 -12.72
CA ALA B 267 -28.68 -3.92 -12.85
C ALA B 267 -27.95 -2.72 -13.46
N GLU B 268 -26.63 -2.64 -13.20
CA GLU B 268 -25.79 -1.55 -13.70
C GLU B 268 -24.90 -1.99 -14.89
N GLY B 269 -25.23 -3.11 -15.51
CA GLY B 269 -24.62 -3.59 -16.71
C GLY B 269 -23.52 -4.65 -16.53
N GLY B 270 -23.29 -5.03 -15.28
CA GLY B 270 -22.26 -6.07 -15.02
C GLY B 270 -22.83 -7.47 -15.05
N VAL B 271 -22.12 -8.41 -14.41
CA VAL B 271 -22.47 -9.82 -14.44
C VAL B 271 -22.96 -10.31 -13.12
N LEU B 272 -22.88 -9.50 -12.06
CA LEU B 272 -23.14 -9.97 -10.70
C LEU B 272 -24.64 -9.92 -10.26
N SER B 273 -25.06 -10.88 -9.46
CA SER B 273 -26.42 -10.81 -8.95
C SER B 273 -26.58 -9.85 -7.81
N LYS B 274 -25.46 -9.50 -7.17
CA LYS B 274 -25.46 -8.68 -5.98
C LYS B 274 -24.02 -8.13 -5.84
N SER B 275 -23.92 -7.10 -5.04
CA SER B 275 -22.64 -6.51 -4.60
C SER B 275 -22.07 -7.28 -3.42
N GLY B 276 -20.74 -7.32 -3.32
CA GLY B 276 -20.06 -7.96 -2.18
C GLY B 276 -19.50 -9.36 -2.45
N VAL B 277 -18.73 -9.45 -3.52
CA VAL B 277 -18.27 -10.73 -4.02
C VAL B 277 -16.78 -10.85 -4.14
N VAL B 278 -16.31 -12.11 -4.15
CA VAL B 278 -14.98 -12.44 -4.72
C VAL B 278 -15.16 -13.00 -6.12
N ASP B 279 -14.33 -12.58 -7.05
CA ASP B 279 -14.37 -13.14 -8.42
C ASP B 279 -13.02 -12.92 -9.05
N TYR B 280 -12.87 -13.20 -10.33
CA TYR B 280 -11.63 -13.06 -11.00
C TYR B 280 -11.91 -12.74 -12.47
N SER B 281 -10.91 -12.23 -13.16
CA SER B 281 -11.04 -11.87 -14.59
C SER B 281 -10.04 -12.61 -15.42
N ILE B 282 -10.43 -12.82 -16.68
CA ILE B 282 -9.60 -13.40 -17.73
C ILE B 282 -9.37 -12.27 -18.69
N GLY B 283 -8.13 -11.89 -18.80
CA GLY B 283 -7.79 -10.80 -19.76
C GLY B 283 -6.54 -10.06 -19.37
N LYS B 284 -6.19 -9.03 -20.14
CA LYS B 284 -4.90 -8.40 -20.02
C LYS B 284 -4.85 -7.34 -18.91
N GLY B 285 -3.67 -7.25 -18.29
CA GLY B 285 -3.34 -6.12 -17.48
C GLY B 285 -3.64 -6.25 -16.01
N VAL B 286 -4.32 -7.30 -15.58
CA VAL B 286 -4.71 -7.46 -14.19
C VAL B 286 -3.57 -8.19 -13.43
N SER B 287 -3.17 -9.38 -13.95
CA SER B 287 -2.04 -10.11 -13.35
CA SER B 287 -2.04 -10.14 -13.40
C SER B 287 -0.73 -9.47 -13.83
N PRO B 288 0.32 -9.47 -13.02
N PRO B 288 0.29 -9.46 -12.94
CA PRO B 288 0.24 -9.91 -11.66
CA PRO B 288 0.46 -10.07 -11.58
C PRO B 288 -0.40 -8.82 -10.86
C PRO B 288 -0.14 -9.31 -10.39
N GLY B 289 -1.10 -9.25 -9.84
N GLY B 289 -1.29 -8.72 -10.59
CA GLY B 289 -1.58 -8.34 -8.85
CA GLY B 289 -1.89 -7.90 -9.55
C GLY B 289 -3.03 -8.64 -8.56
C GLY B 289 -3.16 -8.44 -8.92
N VAL B 290 -3.69 -7.63 -7.99
CA VAL B 290 -5.00 -7.87 -7.38
C VAL B 290 -5.81 -6.59 -7.48
N PHE B 291 -7.12 -6.71 -7.33
CA PHE B 291 -8.02 -5.55 -7.46
C PHE B 291 -9.18 -5.57 -6.47
N VAL B 292 -9.70 -4.35 -6.26
CA VAL B 292 -11.01 -4.11 -5.63
C VAL B 292 -11.75 -3.16 -6.52
N VAL B 293 -13.02 -3.48 -6.82
CA VAL B 293 -13.96 -2.51 -7.39
C VAL B 293 -14.80 -1.96 -6.24
N ALA B 294 -14.73 -0.62 -6.05
CA ALA B 294 -15.43 0.10 -5.02
C ALA B 294 -16.50 1.00 -5.63
N LYS B 295 -17.51 1.28 -4.83
CA LYS B 295 -18.60 2.19 -5.27
C LYS B 295 -18.56 3.43 -4.42
N MET B 296 -18.72 4.57 -5.11
CA MET B 296 -18.95 5.83 -4.40
C MET B 296 -20.46 6.07 -4.14
N ASP B 297 -20.79 6.60 -2.97
CA ASP B 297 -22.19 6.88 -2.57
C ASP B 297 -22.42 8.34 -2.27
N HIS B 298 -21.56 9.19 -2.76
CA HIS B 298 -21.75 10.66 -2.59
C HIS B 298 -21.34 11.30 -3.84
N PRO B 299 -22.16 12.18 -4.42
CA PRO B 299 -21.78 12.71 -5.72
C PRO B 299 -20.46 13.50 -5.76
N ARG B 300 -20.10 14.13 -4.64
CA ARG B 300 -18.86 14.88 -4.65
C ARG B 300 -17.61 13.96 -4.69
N LEU B 301 -17.72 12.81 -4.05
CA LEU B 301 -16.63 11.80 -4.06
C LEU B 301 -16.53 11.16 -5.45
N ASN B 302 -17.66 10.87 -6.11
CA ASN B 302 -17.66 10.46 -7.48
C ASN B 302 -16.95 11.46 -8.37
N GLU B 303 -17.33 12.74 -8.25
CA GLU B 303 -16.71 13.77 -9.04
C GLU B 303 -15.20 13.92 -8.80
N ARG B 304 -14.73 13.79 -7.54
N ARG B 304 -14.76 13.79 -7.54
CA ARG B 304 -13.30 13.89 -7.28
CA ARG B 304 -13.36 13.87 -7.20
C ARG B 304 -12.53 12.75 -8.00
C ARG B 304 -12.55 12.76 -7.94
N LEU B 305 -13.05 11.54 -7.90
CA LEU B 305 -12.34 10.39 -8.50
C LEU B 305 -12.40 10.49 -10.03
N GLU B 306 -13.50 11.05 -10.56
CA GLU B 306 -13.54 11.29 -12.03
C GLU B 306 -12.54 12.39 -12.45
N ASP B 307 -12.44 13.48 -11.67
CA ASP B 307 -11.52 14.59 -11.99
C ASP B 307 -10.07 14.15 -11.91
N LEU B 308 -9.81 13.18 -11.01
CA LEU B 308 -8.51 12.57 -10.88
C LEU B 308 -8.23 11.50 -11.91
N LYS B 309 -9.21 11.15 -12.74
CA LYS B 309 -9.03 10.19 -13.83
C LYS B 309 -8.82 8.76 -13.33
N ILE B 310 -9.48 8.48 -12.21
CA ILE B 310 -9.46 7.12 -11.60
CA ILE B 310 -9.44 7.13 -11.64
C ILE B 310 -10.50 6.23 -12.31
N GLY B 311 -11.52 6.82 -12.94
CA GLY B 311 -12.55 6.08 -13.68
C GLY B 311 -13.76 6.96 -13.92
N LYS B 312 -14.80 6.31 -14.38
CA LYS B 312 -16.08 6.93 -14.60
C LYS B 312 -17.02 6.21 -13.64
N GLY B 313 -17.66 6.96 -12.78
CA GLY B 313 -18.41 6.44 -11.66
C GLY B 313 -19.77 5.89 -11.97
N PRO B 314 -20.39 5.26 -10.96
CA PRO B 314 -19.99 5.29 -9.55
C PRO B 314 -18.99 4.16 -9.09
N TYR B 315 -18.63 3.26 -10.02
CA TYR B 315 -17.72 2.15 -9.68
C TYR B 315 -16.33 2.54 -10.20
N PHE B 316 -15.34 2.23 -9.34
CA PHE B 316 -13.90 2.52 -9.59
C PHE B 316 -13.01 1.34 -9.21
N THR B 317 -11.99 1.13 -10.01
CA THR B 317 -11.06 0.02 -9.78
C THR B 317 -9.80 0.49 -9.06
N PHE B 318 -9.50 -0.20 -7.95
CA PHE B 318 -8.25 -0.04 -7.25
C PHE B 318 -7.36 -1.24 -7.52
N HIS B 319 -6.18 -1.03 -8.12
CA HIS B 319 -5.31 -2.14 -8.56
C HIS B 319 -3.97 -2.05 -7.87
N ARG B 320 -3.50 -3.18 -7.32
CA ARG B 320 -2.11 -3.34 -6.87
C ARG B 320 -1.43 -4.19 -7.90
N PRO B 321 -0.58 -3.61 -8.76
CA PRO B 321 -0.16 -4.32 -9.98
C PRO B 321 1.04 -5.20 -9.79
N TYR B 322 1.28 -5.64 -8.57
CA TYR B 322 2.41 -6.55 -8.31
C TYR B 322 2.06 -7.32 -7.01
N HIS B 323 2.68 -8.50 -6.87
CA HIS B 323 2.70 -9.29 -5.63
CA HIS B 323 2.77 -9.17 -5.60
C HIS B 323 4.03 -10.03 -5.73
N LEU B 324 4.84 -10.09 -4.67
CA LEU B 324 6.23 -10.68 -4.85
C LEU B 324 6.35 -12.09 -4.29
N THR B 325 5.24 -12.77 -4.02
CA THR B 325 5.16 -14.06 -3.42
C THR B 325 6.02 -14.15 -2.15
N SER B 326 6.84 -15.19 -2.07
N SER B 326 6.89 -15.15 -2.05
CA SER B 326 7.71 -15.45 -0.97
CA SER B 326 7.63 -15.39 -0.83
C SER B 326 8.48 -14.24 -0.47
C SER B 326 8.53 -14.22 -0.44
N LEU B 327 8.86 -13.34 -1.39
CA LEU B 327 9.69 -12.24 -1.06
C LEU B 327 9.08 -11.25 -0.07
N GLU B 328 7.73 -11.15 -0.06
CA GLU B 328 7.11 -10.26 0.88
C GLU B 328 6.84 -10.89 2.26
N VAL B 329 7.03 -12.20 2.39
CA VAL B 329 6.69 -12.88 3.66
C VAL B 329 7.50 -12.31 4.84
N PRO B 330 8.79 -11.96 4.64
CA PRO B 330 9.50 -11.34 5.79
C PRO B 330 8.86 -10.05 6.31
N LEU B 331 8.12 -9.33 5.45
CA LEU B 331 7.42 -8.12 5.91
C LEU B 331 6.32 -8.54 6.91
N THR B 332 5.61 -9.63 6.67
CA THR B 332 4.62 -10.13 7.64
C THR B 332 5.29 -10.48 8.92
N VAL B 333 6.43 -11.20 8.86
CA VAL B 333 7.17 -11.57 10.06
C VAL B 333 7.50 -10.30 10.88
N ALA B 334 8.00 -9.27 10.21
CA ALA B 334 8.34 -8.00 10.88
C ALA B 334 7.13 -7.35 11.54
N ARG B 335 6.02 -7.31 10.83
CA ARG B 335 4.82 -6.68 11.39
C ARG B 335 4.28 -7.46 12.60
N VAL B 336 4.31 -8.79 12.52
CA VAL B 336 3.87 -9.65 13.61
C VAL B 336 4.71 -9.40 14.84
N VAL B 337 6.04 -9.51 14.72
CA VAL B 337 6.90 -9.46 15.86
C VAL B 337 7.11 -8.05 16.39
N LEU B 338 7.29 -7.09 15.51
CA LEU B 338 7.54 -5.72 15.99
C LEU B 338 6.27 -5.01 16.42
N HIS B 339 5.15 -5.26 15.76
CA HIS B 339 3.94 -4.45 15.94
C HIS B 339 2.77 -5.22 16.48
N GLY B 340 2.89 -6.54 16.54
CA GLY B 340 1.80 -7.38 17.04
C GLY B 340 0.61 -7.39 16.12
N LYS B 341 0.85 -7.20 14.82
CA LYS B 341 -0.22 -7.08 13.83
C LYS B 341 -0.24 -8.33 12.97
N THR B 342 -1.41 -8.78 12.58
CA THR B 342 -1.54 -9.82 11.57
C THR B 342 -1.74 -9.17 10.21
N ASP B 343 -1.33 -9.77 9.09
CA ASP B 343 -1.62 -9.29 7.79
C ASP B 343 -2.96 -9.84 7.28
N MET B 344 -3.35 -11.03 7.74
CA MET B 344 -4.60 -11.66 7.26
C MET B 344 -4.96 -12.86 8.10
N VAL B 345 -6.20 -12.90 8.61
CA VAL B 345 -6.70 -14.03 9.36
C VAL B 345 -8.08 -14.39 8.85
N PRO B 346 -8.48 -15.67 8.97
CA PRO B 346 -9.84 -16.04 8.70
C PRO B 346 -10.78 -15.46 9.77
N LEU B 347 -12.01 -15.20 9.35
CA LEU B 347 -13.10 -14.89 10.28
C LEU B 347 -13.48 -16.13 11.03
N PRO B 348 -14.17 -15.94 12.15
CA PRO B 348 -14.51 -17.12 12.90
C PRO B 348 -15.51 -18.04 12.24
N LYS B 349 -16.39 -17.49 11.42
CA LYS B 349 -17.37 -18.28 10.66
C LYS B 349 -17.05 -18.18 9.17
N PRO B 350 -16.56 -19.30 8.58
CA PRO B 350 -16.30 -19.21 7.12
C PRO B 350 -17.58 -18.97 6.34
N VAL B 351 -17.47 -18.32 5.20
CA VAL B 351 -18.56 -18.09 4.28
C VAL B 351 -18.51 -18.90 2.97
N ALA B 352 -17.28 -19.37 2.61
CA ALA B 352 -17.02 -20.14 1.42
C ALA B 352 -16.20 -21.39 1.79
N GLU B 353 -16.44 -22.40 0.97
CA GLU B 353 -15.73 -23.67 1.06
C GLU B 353 -15.12 -23.94 -0.28
N VAL B 354 -13.84 -24.36 -0.28
CA VAL B 354 -13.21 -24.93 -1.49
C VAL B 354 -13.63 -26.37 -1.57
N CYS B 355 -14.45 -26.65 -2.58
CA CYS B 355 -14.93 -28.02 -2.88
C CYS B 355 -14.13 -28.56 -4.07
N ALA B 356 -14.56 -29.70 -4.60
CA ALA B 356 -13.86 -30.30 -5.72
C ALA B 356 -14.76 -30.97 -6.68
N VAL B 357 -14.38 -30.93 -7.95
CA VAL B 357 -15.10 -31.54 -9.06
CA VAL B 357 -15.12 -31.64 -8.96
C VAL B 357 -14.17 -32.56 -9.73
N ALA B 358 -14.71 -33.70 -10.15
CA ALA B 358 -13.93 -34.67 -10.87
C ALA B 358 -13.48 -34.18 -12.25
N LYS B 359 -12.26 -34.51 -12.59
CA LYS B 359 -11.77 -34.25 -13.94
C LYS B 359 -11.98 -35.41 -14.92
N LYS B 360 -12.41 -36.56 -14.40
CA LYS B 360 -12.55 -37.79 -15.17
C LYS B 360 -13.54 -38.70 -14.48
N ASP B 361 -14.10 -39.67 -15.22
CA ASP B 361 -14.90 -40.70 -14.64
C ASP B 361 -14.03 -41.63 -13.78
N MET B 362 -14.57 -42.02 -12.64
CA MET B 362 -13.90 -42.97 -11.69
C MET B 362 -14.94 -43.90 -11.08
N GLN B 363 -14.47 -45.15 -10.86
CA GLN B 363 -15.28 -46.21 -10.23
C GLN B 363 -14.91 -46.43 -8.77
N PRO B 364 -15.84 -46.97 -7.97
CA PRO B 364 -15.54 -47.29 -6.58
C PRO B 364 -14.27 -48.11 -6.43
N GLY B 365 -13.43 -47.74 -5.49
CA GLY B 365 -12.18 -48.42 -5.24
C GLY B 365 -10.98 -47.67 -5.76
N GLU B 366 -11.15 -46.90 -6.85
CA GLU B 366 -10.09 -46.02 -7.29
C GLU B 366 -9.77 -44.98 -6.20
N HIS B 367 -8.52 -44.56 -6.14
CA HIS B 367 -8.16 -43.45 -5.27
C HIS B 367 -8.07 -42.15 -6.03
N LEU B 368 -8.57 -41.11 -5.38
CA LEU B 368 -8.31 -39.75 -5.86
C LEU B 368 -6.83 -39.42 -5.68
N ASP B 369 -6.22 -38.74 -6.64
CA ASP B 369 -4.77 -38.59 -6.64
C ASP B 369 -4.36 -37.38 -5.85
N ALA B 370 -4.25 -36.22 -6.46
CA ALA B 370 -3.78 -34.99 -5.76
C ALA B 370 -4.15 -33.79 -6.61
N ILE B 371 -4.27 -32.61 -5.98
CA ILE B 371 -4.50 -31.40 -6.78
C ILE B 371 -3.31 -31.23 -7.72
N GLY B 372 -3.58 -30.73 -8.90
CA GLY B 372 -2.58 -30.56 -9.93
C GLY B 372 -2.18 -31.82 -10.69
N GLN B 373 -3.03 -32.82 -10.60
CA GLN B 373 -2.85 -34.10 -11.27
C GLN B 373 -4.06 -34.44 -12.13
N TYR B 374 -4.56 -35.68 -12.13
CA TYR B 374 -5.53 -36.16 -13.09
C TYR B 374 -6.96 -36.22 -12.65
N CYS B 375 -7.21 -36.37 -11.34
CA CYS B 375 -8.52 -36.79 -10.90
C CYS B 375 -9.49 -35.69 -10.56
N TYR B 376 -9.02 -34.56 -9.99
CA TYR B 376 -9.96 -33.56 -9.50
C TYR B 376 -9.36 -32.16 -9.52
N ARG B 377 -10.26 -31.19 -9.45
CA ARG B 377 -9.90 -29.76 -9.44
C ARG B 377 -10.75 -29.07 -8.39
N SER B 378 -10.25 -27.96 -7.89
CA SER B 378 -11.02 -27.23 -6.86
C SER B 378 -12.16 -26.40 -7.45
N TRP B 379 -13.12 -26.06 -6.61
CA TRP B 379 -14.39 -25.42 -7.03
C TRP B 379 -14.98 -24.72 -5.88
N ILE B 380 -14.97 -23.39 -5.88
CA ILE B 380 -15.47 -22.62 -4.74
C ILE B 380 -17.01 -22.62 -4.68
N MET B 381 -17.52 -22.80 -3.47
CA MET B 381 -18.97 -22.69 -3.19
C MET B 381 -19.19 -21.88 -1.94
N THR B 382 -20.41 -21.33 -1.77
CA THR B 382 -20.73 -20.86 -0.42
C THR B 382 -20.82 -22.02 0.57
N VAL B 383 -20.63 -21.76 1.83
CA VAL B 383 -20.76 -22.79 2.87
C VAL B 383 -22.16 -23.40 2.88
N PRO B 384 -23.22 -22.59 2.78
CA PRO B 384 -24.55 -23.29 2.71
C PRO B 384 -24.75 -24.18 1.54
N GLU B 385 -24.24 -23.85 0.37
CA GLU B 385 -24.39 -24.69 -0.79
C GLU B 385 -23.53 -25.95 -0.64
N ALA B 386 -22.33 -25.79 -0.15
CA ALA B 386 -21.43 -26.94 0.10
C ALA B 386 -22.05 -27.90 1.11
N ARG B 387 -22.58 -27.38 2.19
CA ARG B 387 -23.22 -28.23 3.21
CA ARG B 387 -23.19 -28.24 3.22
C ARG B 387 -24.44 -28.96 2.63
N ALA B 388 -25.24 -28.26 1.84
CA ALA B 388 -26.48 -28.90 1.29
C ALA B 388 -26.08 -30.07 0.43
N ALA B 389 -24.94 -29.97 -0.25
CA ALA B 389 -24.47 -30.97 -1.21
C ALA B 389 -23.60 -32.05 -0.56
N LYS B 390 -23.33 -31.93 0.71
CA LYS B 390 -22.41 -32.78 1.43
C LYS B 390 -21.02 -32.79 0.79
N ALA B 391 -20.60 -31.62 0.26
CA ALA B 391 -19.29 -31.55 -0.42
C ALA B 391 -18.15 -31.79 0.54
N ILE B 392 -17.14 -32.51 0.09
CA ILE B 392 -15.95 -32.69 0.90
C ILE B 392 -14.99 -31.48 0.68
N PRO B 393 -14.51 -30.87 1.74
CA PRO B 393 -13.46 -29.82 1.56
C PRO B 393 -12.31 -30.36 0.75
N CYS B 394 -11.90 -29.61 -0.29
CA CYS B 394 -10.91 -30.10 -1.22
C CYS B 394 -9.61 -30.47 -0.55
N GLY B 395 -9.22 -29.73 0.50
CA GLY B 395 -7.96 -29.98 1.19
C GLY B 395 -7.87 -31.38 1.82
N LEU B 396 -9.00 -32.08 1.94
CA LEU B 396 -9.01 -33.41 2.56
C LEU B 396 -8.85 -34.55 1.60
N LEU B 397 -8.79 -34.27 0.32
CA LEU B 397 -9.06 -35.31 -0.70
C LEU B 397 -7.87 -36.11 -1.22
N GLN B 398 -6.64 -35.68 -0.96
CA GLN B 398 -5.52 -36.37 -1.57
C GLN B 398 -5.46 -37.83 -1.10
N ASN B 399 -5.33 -38.74 -2.05
CA ASN B 399 -5.37 -40.19 -1.80
C ASN B 399 -6.68 -40.70 -1.16
N GLY B 400 -7.77 -39.94 -1.26
CA GLY B 400 -9.08 -40.36 -0.82
C GLY B 400 -9.55 -41.55 -1.64
N THR B 401 -10.60 -42.22 -1.14
CA THR B 401 -11.14 -43.41 -1.81
C THR B 401 -12.47 -43.05 -2.46
N VAL B 402 -12.65 -43.43 -3.73
CA VAL B 402 -13.94 -43.33 -4.38
C VAL B 402 -14.84 -44.47 -3.87
N ILE B 403 -16.04 -44.10 -3.41
CA ILE B 403 -16.98 -45.09 -2.83
C ILE B 403 -18.26 -45.27 -3.64
N ALA B 404 -18.52 -44.41 -4.61
CA ALA B 404 -19.65 -44.55 -5.57
C ALA B 404 -19.16 -44.02 -6.90
N PRO B 405 -19.69 -44.48 -8.04
CA PRO B 405 -19.21 -43.96 -9.31
C PRO B 405 -19.33 -42.44 -9.39
N ILE B 406 -18.30 -41.83 -9.94
CA ILE B 406 -18.20 -40.40 -10.13
C ILE B 406 -17.98 -40.13 -11.61
N LYS B 407 -18.77 -39.21 -12.14
CA LYS B 407 -18.60 -38.77 -13.52
C LYS B 407 -17.76 -37.52 -13.65
N LYS B 408 -17.03 -37.38 -14.76
CA LYS B 408 -16.37 -36.13 -15.09
C LYS B 408 -17.34 -34.97 -14.82
N GLY B 409 -16.85 -33.94 -14.11
CA GLY B 409 -17.67 -32.75 -13.87
C GLY B 409 -18.54 -32.77 -12.63
N GLU B 410 -18.61 -33.92 -11.96
CA GLU B 410 -19.43 -34.06 -10.77
C GLU B 410 -18.73 -33.64 -9.48
N LEU B 411 -19.47 -33.04 -8.59
CA LEU B 411 -19.03 -32.70 -7.26
C LEU B 411 -18.61 -33.92 -6.46
N ILE B 412 -17.47 -33.83 -5.77
CA ILE B 412 -16.99 -34.86 -4.83
C ILE B 412 -17.57 -34.61 -3.47
N THR B 413 -18.29 -35.61 -2.95
CA THR B 413 -19.11 -35.48 -1.75
C THR B 413 -18.90 -36.68 -0.82
N TYR B 414 -19.43 -36.58 0.40
CA TYR B 414 -19.37 -37.68 1.36
C TYR B 414 -20.25 -38.84 0.87
N ALA B 415 -21.10 -38.66 -0.12
CA ALA B 415 -21.83 -39.80 -0.71
C ALA B 415 -20.99 -40.61 -1.69
N ASN B 416 -20.02 -39.98 -2.37
CA ASN B 416 -19.26 -40.67 -3.41
C ASN B 416 -17.74 -40.81 -3.14
N ALA B 417 -17.25 -40.31 -2.02
CA ALA B 417 -15.81 -40.45 -1.67
C ALA B 417 -15.62 -40.37 -0.18
N ALA B 418 -14.45 -40.80 0.29
CA ALA B 418 -14.08 -40.76 1.70
C ALA B 418 -12.64 -40.32 1.81
N PRO B 419 -12.36 -39.24 2.56
CA PRO B 419 -11.00 -38.91 2.81
C PRO B 419 -10.26 -39.97 3.52
N GLN B 420 -8.96 -40.02 3.36
CA GLN B 420 -8.15 -40.72 4.32
C GLN B 420 -8.49 -40.16 5.70
N PRO B 421 -8.97 -41.00 6.62
CA PRO B 421 -9.54 -40.38 7.87
C PRO B 421 -8.44 -40.01 8.90
N GLY B 422 -7.23 -40.58 8.71
CA GLY B 422 -6.12 -40.54 9.67
C GLY B 422 -5.18 -39.37 9.52
N SER B 423 -5.49 -38.37 8.65
CA SER B 423 -4.56 -37.25 8.47
C SER B 423 -4.69 -36.25 9.57
N ARG B 424 -3.60 -35.55 9.82
CA ARG B 424 -3.69 -34.44 10.71
C ARG B 424 -4.73 -33.45 10.15
N ILE B 425 -4.69 -33.23 8.83
CA ILE B 425 -5.65 -32.35 8.28
C ILE B 425 -7.12 -32.76 8.44
N ALA B 426 -7.54 -34.01 8.19
CA ALA B 426 -8.97 -34.43 8.44
C ALA B 426 -9.26 -34.37 9.99
N GLU B 427 -8.29 -34.78 10.80
CA GLU B 427 -8.51 -34.74 12.25
CA GLU B 427 -8.39 -34.67 12.31
C GLU B 427 -8.64 -33.26 12.72
N LEU B 428 -7.79 -32.33 12.23
CA LEU B 428 -7.97 -30.95 12.59
C LEU B 428 -9.27 -30.33 12.05
N ARG B 429 -9.69 -30.73 10.85
CA ARG B 429 -10.94 -30.26 10.34
C ARG B 429 -12.15 -30.72 11.17
N ALA B 430 -12.05 -31.95 11.66
CA ALA B 430 -13.12 -32.44 12.56
C ALA B 430 -13.22 -31.61 13.80
N LEU B 431 -12.05 -31.21 14.31
CA LEU B 431 -12.03 -30.34 15.50
C LEU B 431 -12.57 -28.95 15.20
N GLN B 432 -12.29 -28.41 13.99
CA GLN B 432 -12.84 -27.17 13.59
C GLN B 432 -14.38 -27.21 13.50
N ASP B 433 -14.87 -28.28 12.88
CA ASP B 433 -16.33 -28.46 12.71
C ASP B 433 -16.99 -28.58 14.10
N ALA B 434 -16.32 -29.23 15.04
CA ALA B 434 -16.91 -29.35 16.42
C ALA B 434 -16.93 -27.98 17.09
N MET B 435 -15.84 -27.21 16.89
CA MET B 435 -15.70 -25.89 17.49
C MET B 435 -16.84 -25.00 16.96
N LEU B 436 -17.10 -25.13 15.65
CA LEU B 436 -18.11 -24.33 14.98
C LEU B 436 -19.55 -24.76 15.28
N GLY B 437 -19.74 -26.05 15.56
CA GLY B 437 -21.08 -26.60 15.83
C GLY B 437 -21.56 -26.16 17.20
#